data_9KW0
#
_entry.id   9KW0
#
_cell.length_a   186.684
_cell.length_b   66.929
_cell.length_c   98.602
_cell.angle_alpha   90.000
_cell.angle_beta   101.717
_cell.angle_gamma   90.000
#
_symmetry.space_group_name_H-M   'C 1 2 1'
#
loop_
_entity.id
_entity.type
_entity.pdbx_description
1 polymer 'Tryptophan--tRNA ligase'
2 non-polymer TRYPTOPHAN
3 water water
#
_entity_poly.entity_id   1
_entity_poly.type   'polypeptide(L)'
_entity_poly.pdbx_seq_one_letter_code
;METLFSGIQPSGIPTIGNYIGALKQFVDVQNDYDCYFCIVDQHAITMPQDRLKLRKQTRQLAAIYLASGIDPDKATLFIQ
SEVPAHVQAGWMLTTIASVGELERMTQYKDKAQKAVEGIPAGLLTYPPLMAADIVLYNTNIVPVGDDQKQHIELTRNLVD
RFNSRYNDVLVKPEIRMPKVGGRVMSLQDPTRKMSKSDDNAKNFISLLDEPNVAAKKIKSAVTDSDGIIKFDRDNKPGIT
NLISIYAGLTDMPIKDIEAKYEGEGYGKFKGDLAEIVKAFLVEFQEKYESFYNSDKLDDILDQGRDKAHKVSFKTVKKME
KAMGLGRKRHHHHHH
;
_entity_poly.pdbx_strand_id   A,B,C
#
# COMPACT_ATOMS: atom_id res chain seq x y z
N MET A 1 33.12 18.35 -8.37
CA MET A 1 31.93 17.64 -8.81
C MET A 1 31.88 16.24 -8.21
N GLU A 2 30.73 15.89 -7.63
CA GLU A 2 30.55 14.53 -7.10
C GLU A 2 30.38 13.54 -8.24
N THR A 3 30.89 12.32 -8.08
CA THR A 3 30.78 11.26 -9.07
C THR A 3 29.63 10.30 -8.75
N LEU A 4 28.79 10.05 -9.73
CA LEU A 4 27.64 9.17 -9.59
C LEU A 4 27.83 7.92 -10.45
N PHE A 5 27.42 6.77 -9.93
CA PHE A 5 27.48 5.53 -10.68
C PHE A 5 26.13 4.84 -10.65
N SER A 6 25.55 4.58 -11.83
CA SER A 6 24.33 3.77 -11.94
C SER A 6 24.59 2.54 -12.80
N GLY A 7 24.36 1.36 -12.22
CA GLY A 7 24.41 0.12 -12.96
C GLY A 7 23.05 -0.20 -13.54
N ILE A 8 23.02 -0.49 -14.84
CA ILE A 8 21.81 -0.70 -15.62
C ILE A 8 21.77 -2.16 -16.05
N GLN A 9 20.74 -2.88 -15.61
CA GLN A 9 20.57 -4.29 -16.05
C GLN A 9 20.05 -4.33 -17.48
N PRO A 10 20.68 -5.07 -18.43
CA PRO A 10 20.14 -5.22 -19.78
C PRO A 10 19.15 -6.37 -19.91
N SER A 11 18.05 -6.30 -19.17
CA SER A 11 17.13 -7.43 -19.20
C SER A 11 15.70 -6.95 -19.14
N GLY A 12 15.36 -5.94 -19.91
CA GLY A 12 13.99 -5.52 -20.01
C GLY A 12 13.88 -4.01 -20.13
N ILE A 13 12.79 -3.58 -20.74
CA ILE A 13 12.65 -2.18 -21.12
C ILE A 13 12.20 -1.37 -19.90
N PRO A 14 12.83 -0.24 -19.63
CA PRO A 14 12.28 0.71 -18.66
C PRO A 14 10.88 1.15 -19.06
N THR A 15 10.04 1.37 -18.05
CA THR A 15 8.72 1.93 -18.26
C THR A 15 8.71 3.46 -18.15
N ILE A 16 7.56 4.03 -18.46
CA ILE A 16 7.38 5.46 -18.28
C ILE A 16 7.57 5.84 -16.82
N GLY A 17 7.25 4.92 -15.89
CA GLY A 17 7.54 5.14 -14.49
C GLY A 17 9.02 5.18 -14.20
N ASN A 18 9.80 4.28 -14.82
CA ASN A 18 11.25 4.35 -14.71
C ASN A 18 11.76 5.66 -15.29
N TYR A 19 11.18 6.12 -16.38
CA TYR A 19 11.67 7.34 -17.03
C TYR A 19 11.37 8.58 -16.19
N ILE A 20 10.15 8.67 -15.63
CA ILE A 20 9.80 9.83 -14.79
C ILE A 20 10.59 9.78 -13.49
N GLY A 21 10.78 8.59 -12.94
CA GLY A 21 11.46 8.42 -11.68
C GLY A 21 12.98 8.59 -11.70
N ALA A 22 13.65 8.13 -12.75
CA ALA A 22 15.10 8.25 -12.80
C ALA A 22 15.67 8.85 -14.09
N LEU A 23 15.29 8.32 -15.24
CA LEU A 23 15.98 8.65 -16.48
C LEU A 23 15.91 10.14 -16.77
N LYS A 24 14.71 10.71 -16.77
CA LYS A 24 14.57 12.15 -17.00
C LYS A 24 15.39 12.95 -15.97
N GLN A 25 15.43 12.45 -14.73
CA GLN A 25 16.25 13.06 -13.70
C GLN A 25 17.74 13.00 -14.02
N PHE A 26 18.24 11.83 -14.45
CA PHE A 26 19.64 11.70 -14.83
C PHE A 26 20.02 12.69 -15.91
N VAL A 27 19.12 12.91 -16.86
CA VAL A 27 19.37 13.83 -17.98
C VAL A 27 19.63 15.24 -17.48
N ASP A 28 19.06 15.59 -16.33
CA ASP A 28 19.39 16.88 -15.72
C ASP A 28 20.68 16.80 -14.88
N VAL A 29 20.77 15.83 -13.97
CA VAL A 29 21.87 15.82 -13.02
C VAL A 29 23.19 15.44 -13.67
N GLN A 30 23.19 15.00 -14.93
CA GLN A 30 24.45 14.79 -15.64
C GLN A 30 25.18 16.09 -15.91
N ASN A 31 24.51 17.24 -15.76
CA ASN A 31 25.23 18.50 -15.88
C ASN A 31 26.04 18.82 -14.64
N ASP A 32 25.57 18.37 -13.47
CA ASP A 32 26.18 18.82 -12.19
C ASP A 32 26.88 17.72 -11.42
N TYR A 33 26.90 16.50 -11.94
CA TYR A 33 27.59 15.37 -11.34
C TYR A 33 28.30 14.63 -12.46
N ASP A 34 29.42 13.98 -12.13
CA ASP A 34 30.22 13.20 -13.08
C ASP A 34 29.59 11.82 -13.15
N CYS A 35 28.83 11.54 -14.21
CA CYS A 35 27.87 10.45 -14.18
C CYS A 35 28.35 9.24 -14.97
N TYR A 36 28.25 8.07 -14.34
CA TYR A 36 28.61 6.80 -14.94
C TYR A 36 27.37 5.92 -15.04
N PHE A 37 27.01 5.58 -16.26
CA PHE A 37 25.90 4.67 -16.53
C PHE A 37 26.50 3.42 -17.17
N CYS A 38 26.55 2.36 -16.38
CA CYS A 38 27.22 1.12 -16.75
C CYS A 38 26.17 0.07 -17.08
N ILE A 39 26.18 -0.43 -18.31
CA ILE A 39 25.28 -1.51 -18.71
C ILE A 39 25.96 -2.81 -18.26
N VAL A 40 25.41 -3.43 -17.23
CA VAL A 40 26.14 -4.49 -16.51
C VAL A 40 25.79 -5.83 -17.16
N ASP A 41 26.40 -6.07 -18.32
CA ASP A 41 26.16 -7.35 -18.96
C ASP A 41 26.78 -8.52 -18.18
N GLN A 42 27.87 -8.28 -17.44
CA GLN A 42 28.45 -9.37 -16.66
C GLN A 42 27.63 -9.72 -15.42
N HIS A 43 26.91 -8.75 -14.84
CA HIS A 43 25.92 -9.08 -13.80
C HIS A 43 24.70 -9.79 -14.39
N ALA A 44 24.34 -9.52 -15.63
CA ALA A 44 23.16 -10.16 -16.22
C ALA A 44 23.32 -11.66 -16.37
N ILE A 45 24.54 -12.15 -16.68
CA ILE A 45 24.73 -13.59 -16.84
C ILE A 45 24.85 -14.31 -15.51
N THR A 46 24.69 -13.61 -14.38
CA THR A 46 24.52 -14.35 -13.13
C THR A 46 23.16 -15.03 -13.08
N MET A 47 22.24 -14.59 -13.93
CA MET A 47 20.85 -14.99 -13.98
C MET A 47 20.60 -15.70 -15.31
N PRO A 48 19.46 -16.35 -15.49
CA PRO A 48 19.20 -17.02 -16.78
C PRO A 48 19.14 -16.00 -17.90
N GLN A 49 19.97 -16.22 -18.91
CA GLN A 49 19.99 -15.32 -20.07
C GLN A 49 20.10 -16.13 -21.34
N ASP A 50 19.39 -15.65 -22.37
CA ASP A 50 19.54 -16.26 -23.70
C ASP A 50 20.68 -15.54 -24.39
N ARG A 51 21.68 -16.29 -24.81
CA ARG A 51 22.88 -15.69 -25.43
C ARG A 51 22.53 -14.81 -26.63
N LEU A 52 21.55 -15.20 -27.45
CA LEU A 52 21.29 -14.47 -28.71
C LEU A 52 20.52 -13.16 -28.48
N LYS A 53 19.86 -13.02 -27.35
CA LYS A 53 19.06 -11.82 -27.05
C LYS A 53 19.86 -10.84 -26.19
N LEU A 54 20.84 -11.35 -25.44
CA LEU A 54 21.51 -10.49 -24.46
C LEU A 54 22.23 -9.33 -25.13
N ARG A 55 22.94 -9.58 -26.23
CA ARG A 55 23.58 -8.47 -26.92
C ARG A 55 22.56 -7.45 -27.39
N LYS A 56 21.40 -7.93 -27.88
CA LYS A 56 20.34 -7.03 -28.32
C LYS A 56 19.85 -6.17 -27.17
N GLN A 57 19.52 -6.81 -26.04
CA GLN A 57 19.03 -6.08 -24.88
C GLN A 57 20.04 -5.02 -24.42
N THR A 58 21.33 -5.35 -24.51
CA THR A 58 22.37 -4.38 -24.15
C THR A 58 22.34 -3.19 -25.10
N ARG A 59 22.13 -3.44 -26.38
CA ARG A 59 22.05 -2.33 -27.35
C ARG A 59 20.74 -1.55 -27.12
N GLN A 60 19.69 -2.23 -26.65
CA GLN A 60 18.43 -1.54 -26.44
C GLN A 60 18.56 -0.53 -25.30
N LEU A 61 19.12 -0.98 -24.18
CA LEU A 61 19.28 -0.11 -23.02
C LEU A 61 20.17 1.08 -23.36
N ALA A 62 21.26 0.87 -24.10
CA ALA A 62 22.06 2.02 -24.49
C ALA A 62 21.24 2.97 -25.35
N ALA A 63 20.45 2.41 -26.29
CA ALA A 63 19.61 3.23 -27.14
C ALA A 63 18.56 3.98 -26.33
N ILE A 64 17.96 3.33 -25.34
CA ILE A 64 16.96 3.99 -24.50
C ILE A 64 17.59 5.11 -23.71
N TYR A 65 18.76 4.85 -23.13
CA TYR A 65 19.43 5.89 -22.35
C TYR A 65 19.77 7.09 -23.24
N LEU A 66 20.31 6.85 -24.43
CA LEU A 66 20.65 7.96 -25.31
C LEU A 66 19.40 8.69 -25.77
N ALA A 67 18.32 7.97 -26.08
CA ALA A 67 17.10 8.62 -26.52
C ALA A 67 16.49 9.48 -25.41
N SER A 68 16.72 9.10 -24.14
CA SER A 68 16.28 9.91 -23.01
C SER A 68 17.01 11.24 -22.92
N GLY A 69 18.14 11.39 -23.60
CA GLY A 69 18.95 12.57 -23.44
C GLY A 69 20.19 12.37 -22.61
N ILE A 70 20.51 11.13 -22.21
CA ILE A 70 21.81 10.87 -21.61
C ILE A 70 22.86 11.24 -22.64
N ASP A 71 23.78 12.13 -22.26
CA ASP A 71 24.67 12.78 -23.21
C ASP A 71 26.05 12.16 -23.09
N PRO A 72 26.57 11.53 -24.14
CA PRO A 72 27.83 10.76 -24.01
C PRO A 72 29.08 11.62 -23.78
N ASP A 73 29.02 12.94 -23.98
CA ASP A 73 30.13 13.81 -23.61
C ASP A 73 30.06 14.23 -22.15
N LYS A 74 28.85 14.52 -21.66
CA LYS A 74 28.70 14.95 -20.28
C LYS A 74 28.87 13.78 -19.33
N ALA A 75 28.37 12.61 -19.72
CA ALA A 75 28.38 11.43 -18.89
C ALA A 75 29.20 10.35 -19.58
N THR A 76 29.31 9.21 -18.90
CA THR A 76 30.05 8.05 -19.38
C THR A 76 29.05 6.90 -19.44
N LEU A 77 28.60 6.60 -20.65
CA LEU A 77 27.70 5.48 -20.91
C LEU A 77 28.52 4.37 -21.55
N PHE A 78 28.55 3.19 -20.92
CA PHE A 78 29.42 2.12 -21.43
C PHE A 78 28.92 0.78 -20.98
N ILE A 79 29.49 -0.26 -21.60
CA ILE A 79 29.12 -1.64 -21.32
C ILE A 79 30.17 -2.24 -20.39
N GLN A 80 29.71 -2.92 -19.35
CA GLN A 80 30.58 -3.37 -18.26
C GLN A 80 31.68 -4.33 -18.76
N SER A 81 31.30 -5.35 -19.56
CA SER A 81 32.28 -6.37 -19.97
C SER A 81 33.38 -5.78 -20.84
N GLU A 82 33.16 -4.60 -21.44
CA GLU A 82 34.17 -4.00 -22.29
C GLU A 82 35.26 -3.29 -21.51
N VAL A 83 35.13 -3.21 -20.19
CA VAL A 83 36.11 -2.54 -19.34
C VAL A 83 36.64 -3.56 -18.34
N PRO A 84 37.83 -4.12 -18.61
CA PRO A 84 38.29 -5.29 -17.82
C PRO A 84 38.44 -4.98 -16.36
N ALA A 85 38.58 -3.71 -16.00
CA ALA A 85 38.83 -3.36 -14.61
C ALA A 85 37.74 -3.86 -13.69
N HIS A 86 36.55 -4.10 -14.20
CA HIS A 86 35.45 -4.50 -13.35
C HIS A 86 35.67 -5.88 -12.76
N VAL A 87 36.05 -6.86 -13.59
CA VAL A 87 36.35 -8.19 -13.06
C VAL A 87 37.73 -8.23 -12.41
N GLN A 88 38.64 -7.33 -12.79
CA GLN A 88 39.92 -7.25 -12.07
C GLN A 88 39.72 -6.75 -10.64
N ALA A 89 39.12 -5.58 -10.47
CA ALA A 89 38.82 -5.13 -9.11
C ALA A 89 37.84 -6.07 -8.41
N GLY A 90 36.91 -6.66 -9.15
CA GLY A 90 35.93 -7.53 -8.51
C GLY A 90 36.56 -8.79 -7.93
N TRP A 91 37.56 -9.33 -8.61
CA TRP A 91 38.28 -10.46 -8.05
C TRP A 91 39.09 -10.02 -6.83
N MET A 92 39.75 -8.86 -6.92
CA MET A 92 40.51 -8.35 -5.78
C MET A 92 39.64 -8.19 -4.54
N LEU A 93 38.44 -7.66 -4.70
CA LEU A 93 37.60 -7.46 -3.52
C LEU A 93 36.97 -8.78 -3.07
N THR A 94 36.80 -9.73 -3.98
CA THR A 94 36.29 -11.03 -3.57
C THR A 94 37.25 -11.69 -2.58
N THR A 95 38.54 -11.46 -2.73
CA THR A 95 39.50 -12.15 -1.87
C THR A 95 39.42 -11.64 -0.44
N ILE A 96 39.04 -10.38 -0.25
CA ILE A 96 38.93 -9.85 1.11
C ILE A 96 37.52 -9.95 1.67
N ALA A 97 36.52 -10.23 0.85
CA ALA A 97 35.20 -10.57 1.34
C ALA A 97 35.23 -11.93 2.04
N SER A 98 34.17 -12.22 2.79
CA SER A 98 34.05 -13.50 3.47
C SER A 98 32.89 -14.30 2.90
N VAL A 99 32.95 -15.62 3.05
CA VAL A 99 31.85 -16.46 2.60
C VAL A 99 30.57 -16.06 3.31
N GLY A 100 30.65 -15.84 4.62
CA GLY A 100 29.48 -15.44 5.39
C GLY A 100 28.86 -14.15 4.89
N GLU A 101 29.69 -13.15 4.59
CA GLU A 101 29.17 -11.89 4.07
C GLU A 101 28.37 -12.14 2.80
N LEU A 102 28.95 -12.92 1.88
CA LEU A 102 28.28 -13.20 0.62
C LEU A 102 27.01 -14.00 0.84
N GLU A 103 27.05 -14.96 1.76
CA GLU A 103 25.90 -15.78 2.05
C GLU A 103 24.74 -14.94 2.58
N ARG A 104 25.03 -13.98 3.47
CA ARG A 104 23.96 -13.16 4.03
C ARG A 104 23.36 -12.20 3.01
N MET A 105 24.06 -11.90 1.91
CA MET A 105 23.43 -11.12 0.85
C MET A 105 22.34 -11.92 0.14
N THR A 106 22.54 -13.22 -0.02
CA THR A 106 21.60 -14.09 -0.71
C THR A 106 20.36 -14.41 0.11
N GLN A 107 20.29 -13.87 1.33
CA GLN A 107 19.13 -14.04 2.21
C GLN A 107 18.28 -12.78 2.25
N TYR A 108 18.89 -11.65 2.57
CA TYR A 108 18.22 -10.35 2.56
C TYR A 108 17.33 -10.13 1.33
N GLU A 117 19.40 -28.66 -10.26
CA GLU A 117 20.51 -28.36 -11.14
C GLU A 117 21.61 -27.59 -10.42
N GLY A 118 21.28 -27.07 -9.24
CA GLY A 118 22.23 -26.31 -8.45
C GLY A 118 21.96 -24.81 -8.54
N ILE A 119 22.45 -24.09 -7.53
CA ILE A 119 22.27 -22.63 -7.44
C ILE A 119 23.47 -21.98 -8.11
N PRO A 120 23.29 -21.30 -9.26
CA PRO A 120 24.43 -20.73 -9.97
C PRO A 120 25.29 -19.84 -9.08
N ALA A 121 26.61 -20.06 -9.15
CA ALA A 121 27.53 -19.39 -8.23
C ALA A 121 27.58 -17.89 -8.45
N GLY A 122 27.18 -17.40 -9.63
CA GLY A 122 27.17 -15.96 -9.84
C GLY A 122 26.22 -15.23 -8.89
N LEU A 123 25.13 -15.88 -8.49
CA LEU A 123 24.18 -15.27 -7.56
C LEU A 123 24.78 -15.08 -6.18
N LEU A 124 25.86 -15.80 -5.87
CA LEU A 124 26.55 -15.68 -4.59
C LEU A 124 27.72 -14.71 -4.65
N THR A 125 28.41 -14.62 -5.78
CA THR A 125 29.67 -13.92 -5.86
C THR A 125 29.56 -12.60 -6.59
N TYR A 126 28.40 -12.21 -7.04
CA TYR A 126 28.30 -10.92 -7.70
C TYR A 126 28.52 -9.72 -6.77
N PRO A 127 28.25 -9.76 -5.45
CA PRO A 127 28.29 -8.47 -4.67
C PRO A 127 29.66 -7.82 -4.66
N PRO A 128 30.78 -8.55 -4.56
CA PRO A 128 32.07 -7.85 -4.67
C PRO A 128 32.29 -7.27 -6.05
N LEU A 129 31.70 -7.88 -7.08
CA LEU A 129 31.83 -7.31 -8.43
C LEU A 129 31.00 -6.03 -8.55
N MET A 130 29.83 -6.00 -7.92
CA MET A 130 29.08 -4.76 -7.79
C MET A 130 29.87 -3.69 -7.03
N ALA A 131 30.53 -4.08 -5.94
CA ALA A 131 31.35 -3.12 -5.21
C ALA A 131 32.46 -2.57 -6.10
N ALA A 132 33.10 -3.45 -6.87
CA ALA A 132 34.14 -3.02 -7.80
C ALA A 132 33.58 -2.05 -8.82
N ASP A 133 32.36 -2.32 -9.33
CA ASP A 133 31.78 -1.47 -10.36
C ASP A 133 31.75 -0.02 -9.91
N ILE A 134 31.47 0.19 -8.62
CA ILE A 134 31.25 1.51 -8.05
C ILE A 134 32.58 2.19 -7.73
N VAL A 135 33.41 1.55 -6.90
CA VAL A 135 34.63 2.21 -6.45
C VAL A 135 35.65 2.42 -7.56
N LEU A 136 35.53 1.72 -8.69
CA LEU A 136 36.50 1.91 -9.76
C LEU A 136 36.54 3.36 -10.22
N TYR A 137 35.43 4.08 -10.07
CA TYR A 137 35.31 5.44 -10.56
C TYR A 137 35.32 6.45 -9.41
N ASN A 138 35.78 6.03 -8.23
CA ASN A 138 35.82 6.86 -7.05
C ASN A 138 34.46 7.49 -6.83
N THR A 139 33.46 6.63 -6.91
CA THR A 139 32.07 7.06 -6.85
C THR A 139 31.72 7.64 -5.48
N ASN A 140 31.01 8.77 -5.49
CA ASN A 140 30.49 9.32 -4.24
C ASN A 140 29.06 8.86 -3.97
N ILE A 141 28.22 8.75 -5.00
CA ILE A 141 26.80 8.46 -4.79
C ILE A 141 26.30 7.42 -5.77
N VAL A 142 25.34 6.63 -5.30
CA VAL A 142 24.73 5.56 -6.08
C VAL A 142 23.23 5.73 -5.94
N PRO A 143 22.50 5.95 -7.02
CA PRO A 143 21.05 6.10 -6.92
C PRO A 143 20.32 4.75 -6.97
N VAL A 144 20.29 4.04 -5.84
CA VAL A 144 19.65 2.73 -5.79
C VAL A 144 18.55 2.72 -4.72
N GLY A 145 17.73 1.67 -4.79
CA GLY A 145 16.60 1.51 -3.91
C GLY A 145 16.94 0.73 -2.66
N ASP A 146 15.95 0.63 -1.76
CA ASP A 146 16.18 0.00 -0.46
C ASP A 146 16.55 -1.47 -0.60
N ASP A 147 16.23 -2.10 -1.73
CA ASP A 147 16.62 -3.48 -1.98
C ASP A 147 18.11 -3.64 -2.23
N GLN A 148 18.85 -2.54 -2.33
CA GLN A 148 20.28 -2.57 -2.55
C GLN A 148 21.06 -2.02 -1.37
N LYS A 149 20.39 -1.78 -0.26
CA LYS A 149 21.07 -1.22 0.92
C LYS A 149 22.18 -2.18 1.38
N GLN A 150 21.89 -3.49 1.43
CA GLN A 150 22.92 -4.44 1.84
C GLN A 150 24.11 -4.41 0.89
N HIS A 151 23.89 -4.16 -0.39
CA HIS A 151 24.98 -4.17 -1.36
C HIS A 151 25.90 -2.98 -1.15
N ILE A 152 25.32 -1.81 -0.83
CA ILE A 152 26.15 -0.65 -0.56
C ILE A 152 26.82 -0.78 0.80
N GLU A 153 26.12 -1.36 1.78
CA GLU A 153 26.79 -1.60 3.05
C GLU A 153 28.00 -2.53 2.88
N LEU A 154 27.86 -3.61 2.11
CA LEU A 154 29.02 -4.45 1.81
C LEU A 154 30.09 -3.66 1.09
N THR A 155 29.70 -2.82 0.11
CA THR A 155 30.68 -2.02 -0.63
C THR A 155 31.50 -1.13 0.29
N ARG A 156 30.84 -0.43 1.22
CA ARG A 156 31.55 0.47 2.14
C ARG A 156 32.46 -0.33 3.05
N ASN A 157 31.98 -1.47 3.54
CA ASN A 157 32.80 -2.32 4.39
C ASN A 157 34.01 -2.89 3.62
N LEU A 158 33.82 -3.27 2.36
CA LEU A 158 34.97 -3.74 1.61
C LEU A 158 35.94 -2.59 1.33
N VAL A 159 35.44 -1.35 1.27
CA VAL A 159 36.34 -0.23 1.05
C VAL A 159 37.13 0.07 2.31
N ASP A 160 36.47 0.02 3.45
CA ASP A 160 37.17 0.16 4.73
C ASP A 160 38.20 -0.93 4.90
N ARG A 161 37.80 -2.17 4.62
CA ARG A 161 38.71 -3.30 4.75
C ARG A 161 39.91 -3.15 3.83
N PHE A 162 39.66 -2.77 2.58
CA PHE A 162 40.76 -2.62 1.65
C PHE A 162 41.72 -1.52 2.09
N ASN A 163 41.18 -0.33 2.38
CA ASN A 163 42.01 0.80 2.76
C ASN A 163 42.82 0.51 4.01
N SER A 164 42.21 -0.19 4.97
CA SER A 164 42.87 -0.47 6.23
C SER A 164 43.96 -1.53 6.10
N ARG A 165 43.74 -2.56 5.26
CA ARG A 165 44.70 -3.64 5.13
C ARG A 165 45.80 -3.33 4.14
N TYR A 166 45.52 -2.58 3.08
CA TYR A 166 46.50 -2.38 2.02
C TYR A 166 47.00 -0.95 1.95
N ASN A 167 46.16 0.03 1.62
CA ASN A 167 46.39 1.44 1.93
C ASN A 167 45.23 2.18 1.32
N ASP A 168 45.00 3.42 1.79
CA ASP A 168 43.84 4.17 1.37
C ASP A 168 43.95 4.44 -0.11
N VAL A 169 43.12 3.79 -0.93
CA VAL A 169 42.98 4.17 -2.33
C VAL A 169 41.54 4.26 -2.78
N LEU A 170 40.59 3.66 -2.08
CA LEU A 170 39.21 3.56 -2.56
C LEU A 170 38.30 4.49 -1.77
N VAL A 171 37.24 4.93 -2.44
CA VAL A 171 36.29 5.88 -1.90
C VAL A 171 35.01 5.15 -1.51
N LYS A 172 34.53 5.41 -0.30
CA LYS A 172 33.22 4.95 0.17
C LYS A 172 32.07 5.72 -0.48
N PRO A 173 31.12 5.07 -1.13
CA PRO A 173 29.97 5.76 -1.69
C PRO A 173 28.80 5.86 -0.72
N GLU A 174 27.87 6.76 -1.04
CA GLU A 174 26.59 6.88 -0.34
C GLU A 174 25.47 6.56 -1.32
N ILE A 175 24.37 6.04 -0.79
CA ILE A 175 23.14 5.93 -1.58
C ILE A 175 22.52 7.32 -1.64
N ARG A 176 22.37 7.85 -2.85
CA ARG A 176 21.80 9.18 -3.00
C ARG A 176 21.40 9.43 -4.45
N MET A 177 20.15 9.80 -4.66
CA MET A 177 19.63 10.21 -5.95
C MET A 177 19.53 11.73 -5.94
N PRO A 178 20.36 12.47 -6.69
CA PRO A 178 20.41 13.94 -6.54
C PRO A 178 19.08 14.64 -6.71
N LYS A 179 18.24 14.20 -7.63
CA LYS A 179 16.94 14.84 -7.84
C LYS A 179 15.91 13.73 -8.00
N VAL A 180 15.19 13.42 -6.91
CA VAL A 180 14.22 12.34 -6.95
C VAL A 180 13.06 12.73 -7.85
N GLY A 181 12.76 11.87 -8.85
CA GLY A 181 11.60 12.07 -9.69
C GLY A 181 10.31 11.70 -8.96
N GLY A 182 9.18 11.99 -9.60
CA GLY A 182 7.91 11.58 -9.03
C GLY A 182 7.71 10.09 -9.08
N ARG A 183 6.95 9.57 -8.11
CA ARG A 183 6.63 8.14 -8.05
C ARG A 183 5.46 7.83 -8.97
N VAL A 184 5.64 6.88 -9.89
CA VAL A 184 4.61 6.42 -10.80
C VAL A 184 4.21 5.00 -10.39
N MET A 185 2.91 4.75 -10.35
CA MET A 185 2.35 3.51 -9.81
C MET A 185 1.64 2.72 -10.91
N SER A 186 1.23 1.49 -10.57
CA SER A 186 0.59 0.63 -11.53
C SER A 186 -0.78 1.19 -11.92
N LEU A 187 -1.01 1.28 -13.24
CA LEU A 187 -2.22 1.91 -13.76
C LEU A 187 -3.50 1.18 -13.35
N GLN A 188 -3.42 -0.10 -12.99
CA GLN A 188 -4.59 -0.81 -12.52
C GLN A 188 -4.41 -1.36 -11.10
N ASP A 189 -3.42 -0.87 -10.37
CA ASP A 189 -3.17 -1.17 -8.97
C ASP A 189 -2.35 -0.02 -8.38
N PRO A 190 -2.99 1.14 -8.14
CA PRO A 190 -2.22 2.35 -7.82
C PRO A 190 -1.54 2.37 -6.46
N THR A 191 -1.60 1.30 -5.68
CA THR A 191 -0.82 1.21 -4.45
C THR A 191 0.59 0.66 -4.67
N ARG A 192 0.81 -0.14 -5.71
CA ARG A 192 2.11 -0.70 -6.04
C ARG A 192 2.87 0.18 -7.03
N LYS A 193 4.21 0.17 -6.94
CA LYS A 193 5.04 0.80 -7.95
C LYS A 193 4.79 0.17 -9.32
N MET A 194 4.87 1.00 -10.38
CA MET A 194 4.80 0.48 -11.75
C MET A 194 6.03 -0.37 -12.06
N SER A 195 5.84 -1.56 -12.63
CA SER A 195 6.96 -2.45 -12.87
C SER A 195 6.94 -2.99 -14.29
N LYS A 196 8.12 -3.01 -14.93
CA LYS A 196 8.26 -3.53 -16.29
C LYS A 196 7.95 -5.02 -16.40
N SER A 197 7.87 -5.76 -15.30
CA SER A 197 7.67 -7.20 -15.36
C SER A 197 6.34 -7.64 -14.75
N ASP A 198 5.42 -6.71 -14.51
CA ASP A 198 4.07 -7.05 -14.11
C ASP A 198 3.48 -8.11 -15.04
N ASP A 199 2.75 -9.06 -14.46
CA ASP A 199 1.97 -10.00 -15.26
C ASP A 199 0.78 -9.36 -15.94
N ASN A 200 0.29 -8.25 -15.39
CA ASN A 200 -0.81 -7.49 -15.98
C ASN A 200 -0.14 -6.36 -16.76
N ALA A 201 -0.06 -6.53 -18.08
CA ALA A 201 0.62 -5.54 -18.90
C ALA A 201 -0.09 -4.19 -18.92
N LYS A 202 -1.40 -4.14 -18.63
CA LYS A 202 -2.08 -2.84 -18.49
C LYS A 202 -1.62 -2.06 -17.26
N ASN A 203 -0.85 -2.68 -16.36
CA ASN A 203 -0.31 -1.95 -15.21
C ASN A 203 0.83 -1.01 -15.59
N PHE A 204 1.62 -1.35 -16.62
CA PHE A 204 2.75 -0.51 -16.99
C PHE A 204 2.60 0.04 -18.39
N ILE A 205 3.29 1.15 -18.66
CA ILE A 205 3.48 1.66 -20.01
C ILE A 205 4.97 1.57 -20.28
N SER A 206 5.37 0.63 -21.13
CA SER A 206 6.77 0.53 -21.54
C SER A 206 7.18 1.70 -22.42
N LEU A 207 8.44 2.09 -22.33
CA LEU A 207 8.92 3.08 -23.29
C LEU A 207 8.89 2.57 -24.72
N LEU A 208 8.84 1.25 -24.94
CA LEU A 208 8.75 0.68 -26.28
C LEU A 208 7.35 0.12 -26.60
N ASP A 209 6.37 0.32 -25.72
CA ASP A 209 4.99 0.02 -26.07
C ASP A 209 4.60 0.75 -27.34
N GLU A 210 3.73 0.14 -28.13
CA GLU A 210 3.12 0.87 -29.23
C GLU A 210 2.45 2.13 -28.67
N PRO A 211 2.70 3.30 -29.25
CA PRO A 211 2.10 4.52 -28.70
C PRO A 211 0.58 4.44 -28.57
N ASN A 212 -0.11 3.86 -29.55
CA ASN A 212 -1.56 3.68 -29.44
C ASN A 212 -1.92 2.76 -28.29
N VAL A 213 -1.17 1.67 -28.12
CA VAL A 213 -1.40 0.78 -26.98
C VAL A 213 -1.24 1.55 -25.66
N ALA A 214 -0.33 2.51 -25.62
CA ALA A 214 -0.08 3.20 -24.37
C ALA A 214 -1.18 4.20 -24.02
N ALA A 215 -1.80 4.81 -25.02
CA ALA A 215 -2.96 5.66 -24.75
C ALA A 215 -4.12 4.84 -24.22
N LYS A 216 -4.30 3.63 -24.74
CA LYS A 216 -5.38 2.74 -24.27
C LYS A 216 -5.09 2.36 -22.82
N LYS A 217 -3.82 2.23 -22.47
CA LYS A 217 -3.43 1.91 -21.07
C LYS A 217 -3.83 3.10 -20.18
N ILE A 218 -3.61 4.32 -20.65
CA ILE A 218 -4.09 5.46 -19.87
C ILE A 218 -5.61 5.38 -19.72
N LYS A 219 -6.32 5.10 -20.82
CA LYS A 219 -7.79 5.01 -20.76
C LYS A 219 -8.27 3.84 -19.92
N SER A 220 -7.41 2.85 -19.71
CA SER A 220 -7.83 1.63 -18.96
C SER A 220 -7.40 1.72 -17.49
N ALA A 221 -6.71 2.80 -17.11
CA ALA A 221 -6.25 2.92 -15.74
C ALA A 221 -7.44 2.96 -14.79
N VAL A 222 -7.27 2.33 -13.63
CA VAL A 222 -8.36 2.11 -12.69
C VAL A 222 -8.57 3.37 -11.86
N THR A 223 -9.68 4.07 -12.11
CA THR A 223 -10.05 5.29 -11.40
C THR A 223 -11.54 5.21 -11.11
N ASP A 224 -12.01 6.20 -10.33
CA ASP A 224 -13.43 6.43 -10.21
C ASP A 224 -14.02 6.74 -11.58
N SER A 225 -15.34 6.57 -11.70
CA SER A 225 -15.96 6.87 -12.98
C SER A 225 -15.80 8.35 -13.33
N ASP A 226 -15.98 9.23 -12.36
CA ASP A 226 -15.71 10.65 -12.60
C ASP A 226 -15.23 11.29 -11.31
N GLY A 227 -14.85 12.56 -11.43
CA GLY A 227 -14.33 13.30 -10.30
C GLY A 227 -13.64 14.57 -10.76
N ILE A 228 -13.21 15.37 -9.76
CA ILE A 228 -12.40 16.54 -10.04
C ILE A 228 -10.96 16.10 -10.27
N ILE A 229 -10.23 16.91 -11.03
CA ILE A 229 -8.81 16.71 -11.27
C ILE A 229 -8.08 17.41 -10.13
N LYS A 230 -7.89 16.67 -9.03
CA LYS A 230 -7.19 17.16 -7.85
C LYS A 230 -6.23 16.08 -7.35
N PHE A 231 -5.05 16.51 -6.92
CA PHE A 231 -4.05 15.60 -6.36
C PHE A 231 -4.46 15.19 -4.95
N ASP A 232 -4.70 13.88 -4.76
CA ASP A 232 -5.03 13.35 -3.45
C ASP A 232 -4.67 11.85 -3.46
N ARG A 233 -3.49 11.53 -2.94
CA ARG A 233 -2.99 10.16 -3.00
C ARG A 233 -3.82 9.20 -2.16
N ASP A 234 -4.22 9.62 -0.97
CA ASP A 234 -4.84 8.71 0.00
C ASP A 234 -6.27 8.34 -0.39
N ASN A 235 -7.04 9.30 -0.88
CA ASN A 235 -8.43 9.02 -1.20
C ASN A 235 -8.64 8.67 -2.68
N LYS A 236 -7.92 9.31 -3.58
CA LYS A 236 -8.07 9.07 -5.01
C LYS A 236 -6.73 8.70 -5.66
N PRO A 237 -6.12 7.59 -5.23
CA PRO A 237 -4.81 7.23 -5.81
C PRO A 237 -4.85 7.02 -7.31
N GLY A 238 -5.99 6.62 -7.86
CA GLY A 238 -6.08 6.36 -9.28
C GLY A 238 -5.89 7.60 -10.12
N ILE A 239 -6.73 8.62 -9.91
CA ILE A 239 -6.55 9.84 -10.69
C ILE A 239 -5.26 10.54 -10.28
N THR A 240 -4.84 10.40 -9.02
CA THR A 240 -3.62 11.08 -8.59
C THR A 240 -2.42 10.55 -9.36
N ASN A 241 -2.29 9.22 -9.44
CA ASN A 241 -1.23 8.62 -10.24
C ASN A 241 -1.24 9.16 -11.66
N LEU A 242 -2.41 9.23 -12.29
CA LEU A 242 -2.47 9.79 -13.63
C LEU A 242 -1.94 11.22 -13.66
N ILE A 243 -2.28 12.04 -12.64
CA ILE A 243 -1.80 13.42 -12.59
C ILE A 243 -0.28 13.46 -12.45
N SER A 244 0.29 12.57 -11.62
CA SER A 244 1.75 12.45 -11.51
C SER A 244 2.40 12.10 -12.85
N ILE A 245 1.74 11.26 -13.66
CA ILE A 245 2.30 10.94 -14.97
C ILE A 245 2.19 12.14 -15.90
N TYR A 246 1.04 12.82 -15.88
CA TYR A 246 0.86 14.07 -16.62
C TYR A 246 1.97 15.06 -16.26
N ALA A 247 2.20 15.26 -14.96
CA ALA A 247 3.30 16.12 -14.53
C ALA A 247 4.64 15.64 -15.08
N GLY A 248 4.95 14.35 -14.91
CA GLY A 248 6.24 13.84 -15.34
C GLY A 248 6.56 14.06 -16.80
N LEU A 249 5.55 13.99 -17.67
CA LEU A 249 5.77 14.09 -19.11
C LEU A 249 5.62 15.50 -19.67
N THR A 250 4.89 16.39 -18.99
CA THR A 250 4.69 17.74 -19.47
C THR A 250 5.57 18.77 -18.77
N ASP A 251 6.04 18.46 -17.55
CA ASP A 251 6.68 19.37 -16.61
C ASP A 251 5.72 20.43 -16.06
N MET A 252 4.43 20.31 -16.33
CA MET A 252 3.47 21.20 -15.72
C MET A 252 3.45 20.95 -14.22
N PRO A 253 3.56 21.98 -13.38
CA PRO A 253 3.41 21.77 -11.93
C PRO A 253 2.03 21.22 -11.64
N ILE A 254 1.93 20.41 -10.59
CA ILE A 254 0.66 19.74 -10.30
C ILE A 254 -0.46 20.75 -10.02
N LYS A 255 -0.18 21.79 -9.23
CA LYS A 255 -1.19 22.83 -9.02
C LYS A 255 -1.62 23.46 -10.35
N ASP A 256 -0.69 23.62 -11.28
CA ASP A 256 -1.04 24.15 -12.60
C ASP A 256 -1.89 23.16 -13.40
N ILE A 257 -1.71 21.86 -13.17
CA ILE A 257 -2.61 20.88 -13.78
C ILE A 257 -4.01 21.03 -13.21
N GLU A 258 -4.10 21.22 -11.89
CA GLU A 258 -5.40 21.39 -11.25
C GLU A 258 -6.14 22.59 -11.81
N ALA A 259 -5.43 23.71 -12.02
CA ALA A 259 -6.04 24.91 -12.58
C ALA A 259 -6.56 24.67 -14.00
N LYS A 260 -5.78 23.99 -14.84
CA LYS A 260 -6.19 23.81 -16.24
C LYS A 260 -7.46 22.98 -16.36
N TYR A 261 -7.72 22.09 -15.40
CA TYR A 261 -8.84 21.15 -15.44
C TYR A 261 -9.92 21.47 -14.41
N GLU A 262 -9.87 22.68 -13.83
CA GLU A 262 -10.95 23.13 -12.97
C GLU A 262 -12.24 23.14 -13.76
N GLY A 263 -13.27 22.51 -13.19
CA GLY A 263 -14.51 22.35 -13.92
C GLY A 263 -14.55 21.23 -14.93
N GLU A 264 -13.46 20.46 -15.08
CA GLU A 264 -13.39 19.34 -15.99
C GLU A 264 -13.45 18.05 -15.21
N GLY A 265 -13.87 16.98 -15.90
CA GLY A 265 -13.92 15.66 -15.34
C GLY A 265 -12.91 14.69 -15.95
N TYR A 266 -13.01 13.44 -15.49
CA TYR A 266 -12.00 12.43 -15.85
C TYR A 266 -11.92 12.21 -17.35
N GLY A 267 -13.06 12.28 -18.06
CA GLY A 267 -13.05 12.01 -19.49
C GLY A 267 -12.16 12.96 -20.26
N LYS A 268 -12.27 14.26 -19.95
CA LYS A 268 -11.39 15.21 -20.63
C LYS A 268 -9.94 14.95 -20.27
N PHE A 269 -9.66 14.79 -18.97
CA PHE A 269 -8.28 14.71 -18.50
C PHE A 269 -7.59 13.45 -19.02
N LYS A 270 -8.24 12.29 -18.88
CA LYS A 270 -7.68 11.03 -19.38
C LYS A 270 -7.48 11.08 -20.88
N GLY A 271 -8.43 11.65 -21.62
CA GLY A 271 -8.25 11.76 -23.05
C GLY A 271 -7.05 12.61 -23.41
N ASP A 272 -6.89 13.75 -22.73
CA ASP A 272 -5.72 14.60 -22.96
C ASP A 272 -4.43 13.86 -22.62
N LEU A 273 -4.38 13.25 -21.44
CA LEU A 273 -3.17 12.57 -20.98
C LEU A 273 -2.79 11.43 -21.90
N ALA A 274 -3.79 10.70 -22.42
CA ALA A 274 -3.50 9.62 -23.33
C ALA A 274 -2.85 10.16 -24.60
N GLU A 275 -3.30 11.33 -25.06
CA GLU A 275 -2.66 11.96 -26.21
C GLU A 275 -1.25 12.42 -25.86
N ILE A 276 -1.05 12.89 -24.62
CA ILE A 276 0.29 13.27 -24.18
C ILE A 276 1.22 12.05 -24.11
N VAL A 277 0.73 10.94 -23.52
CA VAL A 277 1.53 9.73 -23.46
C VAL A 277 1.87 9.26 -24.86
N LYS A 278 0.88 9.28 -25.75
CA LYS A 278 1.11 8.85 -27.13
C LYS A 278 2.18 9.70 -27.78
N ALA A 279 2.10 11.02 -27.60
CA ALA A 279 3.02 11.95 -28.27
C ALA A 279 4.41 11.83 -27.72
N PHE A 280 4.55 11.72 -26.39
CA PHE A 280 5.85 11.47 -25.78
C PHE A 280 6.49 10.23 -26.39
N LEU A 281 5.73 9.13 -26.49
CA LEU A 281 6.31 7.88 -26.99
C LEU A 281 6.63 7.95 -28.47
N VAL A 282 5.84 8.68 -29.27
CA VAL A 282 6.19 8.81 -30.69
C VAL A 282 7.53 9.54 -30.83
N GLU A 283 7.73 10.59 -30.03
CA GLU A 283 9.00 11.32 -30.07
C GLU A 283 10.14 10.50 -29.49
N PHE A 284 9.89 9.80 -28.39
CA PHE A 284 10.96 9.04 -27.75
C PHE A 284 11.40 7.89 -28.65
N GLN A 285 10.46 7.19 -29.26
CA GLN A 285 10.78 6.01 -30.05
C GLN A 285 11.44 6.38 -31.37
N GLU A 286 11.13 7.54 -31.94
CA GLU A 286 11.87 7.97 -33.11
C GLU A 286 13.33 8.25 -32.78
N LYS A 287 13.58 8.88 -31.62
CA LYS A 287 14.96 9.01 -31.16
C LYS A 287 15.55 7.64 -30.86
N TYR A 288 14.75 6.75 -30.27
CA TYR A 288 15.24 5.44 -29.89
C TYR A 288 15.65 4.65 -31.14
N GLU A 289 14.80 4.66 -32.18
CA GLU A 289 15.13 3.95 -33.40
C GLU A 289 16.40 4.49 -34.03
N SER A 290 16.54 5.81 -34.10
CA SER A 290 17.69 6.38 -34.79
C SER A 290 18.99 6.09 -34.05
N PHE A 291 18.96 5.98 -32.72
CA PHE A 291 20.15 5.51 -32.02
C PHE A 291 20.36 4.01 -32.23
N TYR A 292 19.29 3.22 -32.08
CA TYR A 292 19.42 1.76 -32.10
C TYR A 292 19.92 1.26 -33.45
N ASN A 293 19.56 1.92 -34.55
CA ASN A 293 19.83 1.45 -35.90
C ASN A 293 20.96 2.20 -36.58
N SER A 294 21.73 2.99 -35.84
CA SER A 294 22.78 3.77 -36.46
C SER A 294 24.15 3.17 -36.15
N ASP A 295 25.09 3.41 -37.06
CA ASP A 295 26.47 2.99 -36.83
C ASP A 295 27.12 3.82 -35.74
N LYS A 296 26.68 5.06 -35.54
CA LYS A 296 27.29 5.94 -34.57
C LYS A 296 27.07 5.47 -33.14
N LEU A 297 26.05 4.65 -32.88
CA LEU A 297 25.87 4.04 -31.56
C LEU A 297 27.09 3.24 -31.14
N ASP A 298 27.72 2.56 -32.08
CA ASP A 298 28.93 1.81 -31.76
C ASP A 298 30.08 2.75 -31.45
N ASP A 299 30.12 3.88 -32.14
CA ASP A 299 31.15 4.90 -31.84
C ASP A 299 30.89 5.47 -30.44
N ILE A 300 29.62 5.73 -30.10
CA ILE A 300 29.29 6.31 -28.80
C ILE A 300 29.68 5.34 -27.68
N LEU A 301 29.33 4.07 -27.84
CA LEU A 301 29.74 3.06 -26.86
C LEU A 301 31.26 2.86 -26.83
N ASP A 302 31.93 2.99 -27.96
CA ASP A 302 33.41 2.91 -27.92
C ASP A 302 33.96 4.07 -27.09
N GLN A 303 33.46 5.28 -27.33
CA GLN A 303 33.94 6.42 -26.56
C GLN A 303 33.61 6.26 -25.09
N GLY A 304 32.41 5.79 -24.77
CA GLY A 304 32.09 5.56 -23.38
C GLY A 304 33.02 4.54 -22.75
N ARG A 305 33.21 3.39 -23.44
CA ARG A 305 34.14 2.38 -22.97
C ARG A 305 35.53 2.98 -22.72
N ASP A 306 36.04 3.76 -23.68
CA ASP A 306 37.36 4.36 -23.53
C ASP A 306 37.43 5.27 -22.31
N LYS A 307 36.40 6.10 -22.09
CA LYS A 307 36.41 7.00 -20.94
C LYS A 307 36.39 6.20 -19.63
N ALA A 308 35.54 5.19 -19.55
CA ALA A 308 35.51 4.38 -18.34
C ALA A 308 36.84 3.67 -18.11
N HIS A 309 37.45 3.15 -19.18
CA HIS A 309 38.73 2.48 -19.05
C HIS A 309 39.82 3.42 -18.55
N LYS A 310 39.87 4.64 -19.09
CA LYS A 310 40.94 5.55 -18.68
C LYS A 310 40.87 5.85 -17.18
N VAL A 311 39.67 5.88 -16.60
CA VAL A 311 39.57 6.20 -15.18
C VAL A 311 39.80 4.96 -14.33
N SER A 312 39.13 3.85 -14.68
CA SER A 312 39.22 2.66 -13.84
C SER A 312 40.58 1.94 -13.96
N PHE A 313 41.32 2.17 -15.05
CA PHE A 313 42.67 1.61 -15.16
C PHE A 313 43.56 2.14 -14.03
N LYS A 314 43.51 3.46 -13.80
CA LYS A 314 44.29 4.02 -12.70
C LYS A 314 43.87 3.42 -11.37
N THR A 315 42.55 3.30 -11.15
CA THR A 315 42.06 2.71 -9.90
C THR A 315 42.53 1.28 -9.73
N VAL A 316 42.39 0.45 -10.79
CA VAL A 316 42.83 -0.94 -10.70
C VAL A 316 44.34 -1.02 -10.52
N LYS A 317 45.09 -0.11 -11.15
CA LYS A 317 46.53 -0.10 -10.94
C LYS A 317 46.91 0.20 -9.50
N LYS A 318 46.20 1.14 -8.86
CA LYS A 318 46.50 1.42 -7.46
C LYS A 318 46.14 0.23 -6.57
N MET A 319 45.03 -0.45 -6.89
CA MET A 319 44.66 -1.62 -6.10
C MET A 319 45.70 -2.73 -6.23
N GLU A 320 46.18 -2.99 -7.47
CA GLU A 320 47.12 -4.08 -7.67
C GLU A 320 48.41 -3.78 -6.95
N LYS A 321 48.85 -2.52 -7.00
CA LYS A 321 50.06 -2.13 -6.32
C LYS A 321 49.90 -2.28 -4.81
N ALA A 322 48.75 -1.86 -4.28
CA ALA A 322 48.50 -1.95 -2.85
C ALA A 322 48.47 -3.39 -2.38
N MET A 323 48.01 -4.31 -3.22
CA MET A 323 47.96 -5.71 -2.83
C MET A 323 49.23 -6.47 -3.18
N GLY A 324 50.10 -5.88 -4.00
CA GLY A 324 51.31 -6.54 -4.41
C GLY A 324 51.17 -7.47 -5.60
N LEU A 325 50.06 -7.39 -6.34
CA LEU A 325 49.89 -8.09 -7.59
C LEU A 325 50.79 -7.51 -8.66
N GLY A 326 51.09 -8.33 -9.67
CA GLY A 326 51.77 -7.88 -10.86
C GLY A 326 53.19 -7.45 -10.55
N ARG A 327 53.63 -6.41 -11.27
CA ARG A 327 55.01 -5.99 -11.27
C ARG A 327 55.11 -4.49 -11.09
N LYS A 328 56.22 -4.04 -10.51
CA LYS A 328 56.59 -2.63 -10.60
C LYS A 328 57.33 -2.43 -11.92
N ARG A 329 56.84 -1.48 -12.73
CA ARG A 329 57.46 -1.19 -14.01
C ARG A 329 57.55 0.31 -14.19
N MET B 1 33.95 10.61 14.74
CA MET B 1 32.81 9.70 14.79
C MET B 1 31.62 10.36 14.13
N GLU B 2 30.77 9.56 13.49
CA GLU B 2 29.61 10.04 12.74
C GLU B 2 28.37 10.10 13.62
N THR B 3 27.58 11.17 13.44
CA THR B 3 26.35 11.38 14.19
C THR B 3 25.14 10.89 13.40
N LEU B 4 24.25 10.16 14.07
CA LEU B 4 23.05 9.62 13.46
C LEU B 4 21.81 10.20 14.14
N PHE B 5 20.79 10.55 13.34
CA PHE B 5 19.54 11.06 13.90
C PHE B 5 18.34 10.29 13.36
N SER B 6 17.49 9.82 14.27
CA SER B 6 16.27 9.10 13.92
C SER B 6 15.09 9.70 14.68
N GLY B 7 14.09 10.18 13.94
CA GLY B 7 12.87 10.67 14.55
C GLY B 7 11.85 9.57 14.74
N ILE B 8 11.37 9.37 15.97
CA ILE B 8 10.50 8.26 16.33
C ILE B 8 9.09 8.79 16.53
N GLN B 9 8.16 8.39 15.67
CA GLN B 9 6.76 8.79 15.82
C GLN B 9 6.20 8.19 17.11
N PRO B 10 5.65 8.99 18.01
CA PRO B 10 5.06 8.42 19.23
C PRO B 10 3.61 7.99 19.03
N SER B 11 3.28 7.34 17.94
CA SER B 11 1.95 6.79 17.75
C SER B 11 1.98 5.43 17.09
N GLY B 12 3.15 4.98 16.67
CA GLY B 12 3.31 3.65 16.13
C GLY B 12 4.08 2.81 17.12
N ILE B 13 3.43 1.79 17.66
CA ILE B 13 4.13 0.79 18.44
C ILE B 13 4.92 -0.07 17.46
N PRO B 14 6.23 -0.17 17.62
CA PRO B 14 7.03 -0.94 16.67
C PRO B 14 6.58 -2.40 16.63
N THR B 15 6.75 -3.01 15.48
CA THR B 15 6.45 -4.42 15.33
C THR B 15 7.71 -5.25 15.54
N ILE B 16 7.56 -6.56 15.40
CA ILE B 16 8.73 -7.44 15.42
C ILE B 16 9.60 -7.20 14.20
N GLY B 17 8.98 -6.88 13.06
CA GLY B 17 9.75 -6.45 11.90
C GLY B 17 10.50 -5.14 12.13
N ASN B 18 9.89 -4.23 12.89
CA ASN B 18 10.60 -3.00 13.28
C ASN B 18 11.78 -3.32 14.17
N TYR B 19 11.60 -4.22 15.13
CA TYR B 19 12.69 -4.61 16.03
C TYR B 19 13.82 -5.30 15.28
N ILE B 20 13.49 -6.31 14.47
CA ILE B 20 14.50 -7.03 13.70
C ILE B 20 15.18 -6.10 12.70
N GLY B 21 14.40 -5.20 12.09
CA GLY B 21 14.91 -4.31 11.06
C GLY B 21 15.72 -3.14 11.55
N ALA B 22 15.26 -2.44 12.59
CA ALA B 22 15.95 -1.25 13.09
C ALA B 22 16.36 -1.37 14.54
N LEU B 23 15.43 -1.65 15.45
CA LEU B 23 15.73 -1.50 16.87
C LEU B 23 16.91 -2.34 17.29
N LYS B 24 16.92 -3.62 16.89
CA LYS B 24 18.01 -4.52 17.24
C LYS B 24 19.34 -4.03 16.69
N GLN B 25 19.34 -3.52 15.47
CA GLN B 25 20.58 -2.98 14.89
C GLN B 25 21.07 -1.74 15.64
N PHE B 26 20.15 -0.86 16.06
CA PHE B 26 20.54 0.32 16.83
C PHE B 26 21.24 -0.05 18.14
N VAL B 27 20.83 -1.16 18.77
CA VAL B 27 21.49 -1.61 20.00
C VAL B 27 22.97 -1.92 19.75
N ASP B 28 23.32 -2.29 18.51
CA ASP B 28 24.72 -2.45 18.17
C ASP B 28 25.37 -1.13 17.70
N VAL B 29 24.71 -0.41 16.80
CA VAL B 29 25.33 0.76 16.17
C VAL B 29 25.44 1.96 17.10
N GLN B 30 24.88 1.90 18.31
CA GLN B 30 25.05 3.00 19.24
C GLN B 30 26.43 3.03 19.86
N ASN B 31 27.18 1.93 19.75
CA ASN B 31 28.56 1.90 20.23
C ASN B 31 29.54 2.59 19.28
N ASP B 32 29.23 2.66 17.99
CA ASP B 32 30.14 3.18 16.97
C ASP B 32 29.61 4.44 16.29
N TYR B 33 28.41 4.86 16.63
CA TYR B 33 27.84 6.06 16.07
C TYR B 33 27.25 6.88 17.20
N ASP B 34 27.36 8.20 17.10
CA ASP B 34 26.75 9.12 18.05
C ASP B 34 25.28 9.22 17.67
N CYS B 35 24.40 8.55 18.41
CA CYS B 35 23.02 8.34 17.97
C CYS B 35 22.05 9.19 18.76
N TYR B 36 21.16 9.88 18.05
CA TYR B 36 20.06 10.65 18.62
C TYR B 36 18.75 9.95 18.26
N PHE B 37 17.99 9.56 19.27
CA PHE B 37 16.67 8.96 19.08
C PHE B 37 15.66 9.94 19.68
N CYS B 38 14.94 10.64 18.80
CA CYS B 38 14.11 11.79 19.15
C CYS B 38 12.63 11.45 18.97
N ILE B 39 11.89 11.44 20.07
CA ILE B 39 10.47 11.11 20.00
C ILE B 39 9.75 12.38 19.57
N VAL B 40 9.28 12.41 18.32
CA VAL B 40 8.86 13.67 17.69
C VAL B 40 7.38 13.86 18.00
N ASP B 41 7.09 14.28 19.23
CA ASP B 41 5.70 14.59 19.56
C ASP B 41 5.21 15.81 18.80
N GLN B 42 6.09 16.78 18.54
CA GLN B 42 5.67 17.94 17.77
C GLN B 42 5.30 17.57 16.34
N HIS B 43 5.92 16.52 15.79
CA HIS B 43 5.49 16.01 14.48
C HIS B 43 4.19 15.22 14.58
N ALA B 44 3.97 14.54 15.70
CA ALA B 44 2.78 13.70 15.85
C ALA B 44 1.52 14.53 15.76
N ILE B 45 1.53 15.74 16.33
CA ILE B 45 0.35 16.60 16.35
C ILE B 45 0.11 17.32 15.03
N THR B 46 0.89 17.05 13.98
CA THR B 46 0.47 17.49 12.65
C THR B 46 -0.74 16.72 12.16
N MET B 47 -1.09 15.64 12.85
CA MET B 47 -2.06 14.65 12.45
C MET B 47 -3.04 14.48 13.59
N PRO B 48 -4.12 13.71 13.38
CA PRO B 48 -5.10 13.51 14.47
C PRO B 48 -4.48 12.82 15.68
N GLN B 49 -4.66 13.43 16.85
CA GLN B 49 -4.09 12.87 18.08
C GLN B 49 -5.03 13.14 19.24
N ASP B 50 -4.90 12.32 20.28
CA ASP B 50 -5.69 12.39 21.49
C ASP B 50 -4.81 12.79 22.65
N ARG B 51 -5.25 13.78 23.43
CA ARG B 51 -4.43 14.39 24.48
C ARG B 51 -3.88 13.35 25.46
N LEU B 52 -4.75 12.51 26.02
CA LEU B 52 -4.28 11.59 27.05
C LEU B 52 -3.54 10.40 26.45
N LYS B 53 -3.86 10.02 25.21
CA LYS B 53 -3.10 8.94 24.59
C LYS B 53 -1.69 9.41 24.22
N LEU B 54 -1.54 10.64 23.76
CA LEU B 54 -0.27 11.08 23.19
C LEU B 54 0.87 11.01 24.21
N ARG B 55 0.64 11.55 25.39
CA ARG B 55 1.68 11.46 26.44
C ARG B 55 1.96 9.98 26.75
N LYS B 56 0.94 9.13 26.69
CA LYS B 56 1.12 7.72 27.01
C LYS B 56 1.94 7.01 25.94
N GLN B 57 1.58 7.19 24.67
CA GLN B 57 2.33 6.58 23.59
C GLN B 57 3.77 7.10 23.54
N THR B 58 3.98 8.34 23.99
CA THR B 58 5.33 8.88 24.08
C THR B 58 6.14 8.15 25.15
N ARG B 59 5.54 7.93 26.33
CA ARG B 59 6.17 7.09 27.34
C ARG B 59 6.41 5.68 26.81
N GLN B 60 5.43 5.13 26.09
CA GLN B 60 5.53 3.78 25.56
C GLN B 60 6.68 3.64 24.59
N LEU B 61 6.85 4.62 23.69
CA LEU B 61 7.95 4.54 22.74
C LEU B 61 9.30 4.60 23.45
N ALA B 62 9.42 5.49 24.44
CA ALA B 62 10.70 5.55 25.16
C ALA B 62 10.97 4.24 25.88
N ALA B 63 9.96 3.68 26.52
CA ALA B 63 10.11 2.40 27.22
C ALA B 63 10.48 1.30 26.24
N ILE B 64 9.84 1.29 25.07
CA ILE B 64 10.12 0.29 24.05
C ILE B 64 11.57 0.37 23.60
N TYR B 65 12.08 1.60 23.41
CA TYR B 65 13.45 1.73 22.93
C TYR B 65 14.46 1.30 23.99
N LEU B 66 14.24 1.68 25.25
CA LEU B 66 15.12 1.23 26.33
C LEU B 66 15.04 -0.28 26.52
N ALA B 67 13.83 -0.84 26.49
CA ALA B 67 13.68 -2.29 26.60
C ALA B 67 14.38 -3.00 25.45
N SER B 68 14.42 -2.38 24.26
CA SER B 68 15.17 -2.94 23.14
C SER B 68 16.66 -2.99 23.40
N GLY B 69 17.17 -2.13 24.29
CA GLY B 69 18.61 -2.06 24.54
C GLY B 69 19.26 -0.73 24.20
N ILE B 70 18.52 0.27 23.72
CA ILE B 70 19.10 1.60 23.57
C ILE B 70 19.59 2.06 24.93
N ASP B 71 20.85 2.48 24.99
CA ASP B 71 21.54 2.83 26.23
C ASP B 71 21.56 4.34 26.37
N PRO B 72 20.87 4.93 27.36
CA PRO B 72 20.77 6.39 27.44
C PRO B 72 22.09 7.09 27.75
N ASP B 73 23.16 6.34 27.99
CA ASP B 73 24.49 6.91 28.15
C ASP B 73 25.24 6.97 26.82
N LYS B 74 25.20 5.88 26.07
CA LYS B 74 25.83 5.83 24.76
C LYS B 74 25.08 6.68 23.75
N ALA B 75 23.75 6.67 23.81
CA ALA B 75 22.88 7.31 22.84
C ALA B 75 22.07 8.41 23.53
N THR B 76 21.47 9.28 22.74
CA THR B 76 20.69 10.38 23.28
C THR B 76 19.21 10.14 22.98
N LEU B 77 18.45 9.75 24.01
CA LEU B 77 17.03 9.51 23.88
C LEU B 77 16.26 10.67 24.54
N PHE B 78 15.42 11.35 23.76
CA PHE B 78 14.76 12.56 24.27
C PHE B 78 13.45 12.82 23.53
N ILE B 79 12.65 13.70 24.13
CA ILE B 79 11.36 14.08 23.56
C ILE B 79 11.52 15.43 22.85
N GLN B 80 11.07 15.49 21.60
CA GLN B 80 11.28 16.65 20.73
C GLN B 80 10.80 17.96 21.39
N SER B 81 9.58 17.96 21.93
CA SER B 81 9.04 19.23 22.43
C SER B 81 9.81 19.77 23.63
N GLU B 82 10.60 18.93 24.31
CA GLU B 82 11.36 19.40 25.47
C GLU B 82 12.66 20.09 25.09
N VAL B 83 12.95 20.18 23.80
CA VAL B 83 14.14 20.83 23.29
C VAL B 83 13.69 21.97 22.39
N PRO B 84 13.59 23.19 22.91
CA PRO B 84 12.99 24.28 22.12
C PRO B 84 13.70 24.55 20.82
N ALA B 85 14.99 24.19 20.73
CA ALA B 85 15.77 24.40 19.52
C ALA B 85 15.10 23.84 18.26
N HIS B 86 14.24 22.83 18.39
CA HIS B 86 13.62 22.27 17.20
C HIS B 86 12.68 23.27 16.53
N VAL B 87 11.76 23.87 17.29
CA VAL B 87 10.88 24.85 16.65
C VAL B 87 11.67 26.10 16.29
N GLN B 88 12.73 26.42 17.02
CA GLN B 88 13.46 27.64 16.72
C GLN B 88 14.19 27.52 15.39
N ALA B 89 14.99 26.48 15.25
CA ALA B 89 15.60 26.22 13.95
C ALA B 89 14.53 25.92 12.91
N GLY B 90 13.46 25.27 13.33
CA GLY B 90 12.39 24.96 12.39
C GLY B 90 11.83 26.20 11.74
N TRP B 91 11.52 27.21 12.55
CA TRP B 91 11.03 28.47 12.03
C TRP B 91 12.04 29.11 11.10
N MET B 92 13.30 29.22 11.53
CA MET B 92 14.33 29.81 10.69
C MET B 92 14.40 29.15 9.32
N LEU B 93 14.46 27.81 9.28
CA LEU B 93 14.52 27.13 7.99
C LEU B 93 13.25 27.38 7.19
N THR B 94 12.10 27.43 7.88
CA THR B 94 10.85 27.71 7.18
C THR B 94 10.96 29.01 6.38
N THR B 95 11.61 30.03 6.96
CA THR B 95 11.60 31.34 6.31
C THR B 95 12.45 31.38 5.05
N ILE B 96 13.34 30.41 4.87
CA ILE B 96 14.16 30.34 3.66
C ILE B 96 13.74 29.23 2.71
N ALA B 97 12.80 28.38 3.11
CA ALA B 97 12.08 27.51 2.20
C ALA B 97 11.11 28.34 1.36
N SER B 98 10.69 27.80 0.23
CA SER B 98 9.68 28.49 -0.56
C SER B 98 8.32 27.83 -0.36
N VAL B 99 7.26 28.58 -0.65
CA VAL B 99 5.95 27.97 -0.65
C VAL B 99 5.93 26.83 -1.67
N GLY B 100 6.53 27.05 -2.84
CA GLY B 100 6.59 26.00 -3.84
C GLY B 100 7.18 24.71 -3.31
N GLU B 101 8.31 24.81 -2.62
CA GLU B 101 8.99 23.61 -2.09
C GLU B 101 8.05 22.89 -1.13
N LEU B 102 7.42 23.63 -0.23
CA LEU B 102 6.51 23.02 0.72
C LEU B 102 5.39 22.30 0.00
N GLU B 103 4.87 22.93 -1.06
CA GLU B 103 3.74 22.35 -1.78
C GLU B 103 4.12 21.05 -2.48
N ARG B 104 5.34 20.95 -3.02
CA ARG B 104 5.72 19.71 -3.73
C ARG B 104 6.05 18.58 -2.77
N MET B 105 6.48 18.89 -1.55
CA MET B 105 6.66 17.86 -0.54
C MET B 105 5.37 17.05 -0.33
N THR B 106 4.21 17.71 -0.37
CA THR B 106 2.93 17.03 -0.20
C THR B 106 2.53 16.20 -1.43
N GLN B 107 3.16 16.43 -2.57
CA GLN B 107 2.87 15.70 -3.81
C GLN B 107 3.81 14.51 -3.89
N TYR B 108 3.30 13.33 -3.57
CA TYR B 108 4.10 12.09 -3.48
C TYR B 108 5.14 12.23 -2.39
N GLY B 118 -10.92 21.47 6.00
CA GLY B 118 -9.65 21.89 5.44
C GLY B 118 -8.46 21.03 5.85
N ILE B 119 -7.33 21.19 5.15
CA ILE B 119 -6.12 20.43 5.45
C ILE B 119 -5.39 21.10 6.62
N PRO B 120 -5.08 20.38 7.70
CA PRO B 120 -4.27 20.98 8.78
C PRO B 120 -2.92 21.46 8.26
N ALA B 121 -2.56 22.69 8.63
CA ALA B 121 -1.34 23.32 8.11
C ALA B 121 -0.07 22.63 8.60
N GLY B 122 -0.16 21.83 9.66
CA GLY B 122 1.01 21.11 10.11
C GLY B 122 1.57 20.21 9.04
N LEU B 123 0.69 19.59 8.26
CA LEU B 123 1.07 18.69 7.17
C LEU B 123 1.74 19.43 6.02
N LEU B 124 1.55 20.73 5.89
CA LEU B 124 2.26 21.48 4.85
C LEU B 124 3.59 22.02 5.36
N THR B 125 3.70 22.31 6.65
CA THR B 125 4.83 23.06 7.15
C THR B 125 5.82 22.22 7.92
N TYR B 126 5.53 20.96 8.17
CA TYR B 126 6.47 20.16 8.97
C TYR B 126 7.84 19.91 8.35
N PRO B 127 8.01 19.82 7.02
CA PRO B 127 9.33 19.42 6.47
C PRO B 127 10.47 20.34 6.92
N PRO B 128 10.28 21.68 7.01
CA PRO B 128 11.38 22.48 7.59
C PRO B 128 11.73 22.05 8.99
N LEU B 129 10.72 21.69 9.78
CA LEU B 129 10.92 21.22 11.14
C LEU B 129 11.68 19.90 11.16
N MET B 130 11.37 19.00 10.24
CA MET B 130 12.12 17.76 10.20
C MET B 130 13.55 18.01 9.73
N ALA B 131 13.75 19.00 8.86
CA ALA B 131 15.11 19.39 8.51
C ALA B 131 15.84 19.99 9.70
N ALA B 132 15.14 20.76 10.55
CA ALA B 132 15.75 21.31 11.75
C ALA B 132 16.07 20.21 12.76
N ASP B 133 15.17 19.24 12.91
CA ASP B 133 15.44 18.12 13.81
C ASP B 133 16.79 17.49 13.50
N ILE B 134 17.14 17.42 12.22
CA ILE B 134 18.35 16.73 11.79
C ILE B 134 19.59 17.61 11.96
N VAL B 135 19.59 18.78 11.31
CA VAL B 135 20.81 19.59 11.27
C VAL B 135 21.15 20.25 12.61
N LEU B 136 20.22 20.25 13.55
CA LEU B 136 20.51 20.73 14.90
C LEU B 136 21.66 19.95 15.54
N TYR B 137 21.80 18.67 15.22
CA TYR B 137 22.78 17.80 15.87
C TYR B 137 23.97 17.54 14.97
N ASN B 138 24.15 18.36 13.93
CA ASN B 138 25.25 18.22 12.99
C ASN B 138 25.27 16.81 12.45
N THR B 139 24.08 16.34 12.09
CA THR B 139 23.87 14.95 11.76
C THR B 139 24.52 14.61 10.42
N ASN B 140 25.23 13.48 10.41
CA ASN B 140 25.85 12.92 9.20
C ASN B 140 24.93 11.94 8.48
N ILE B 141 24.24 11.07 9.22
CA ILE B 141 23.43 10.03 8.60
C ILE B 141 22.05 9.98 9.23
N VAL B 142 21.05 9.70 8.40
CA VAL B 142 19.67 9.59 8.83
C VAL B 142 19.13 8.28 8.30
N PRO B 143 18.71 7.34 9.16
CA PRO B 143 18.25 6.02 8.72
C PRO B 143 16.75 6.01 8.38
N VAL B 144 16.47 6.56 7.22
CA VAL B 144 15.07 6.65 6.76
C VAL B 144 14.88 5.81 5.49
N GLY B 145 13.64 5.38 5.25
CA GLY B 145 13.32 4.60 4.07
C GLY B 145 13.14 5.46 2.82
N ASP B 146 12.74 4.79 1.73
CA ASP B 146 12.60 5.48 0.46
C ASP B 146 11.51 6.54 0.51
N ASP B 147 10.54 6.37 1.41
CA ASP B 147 9.45 7.34 1.53
C ASP B 147 9.95 8.70 2.01
N GLN B 148 11.14 8.78 2.61
CA GLN B 148 11.66 10.04 3.14
C GLN B 148 12.77 10.64 2.29
N LYS B 149 12.96 10.16 1.05
CA LYS B 149 14.05 10.65 0.21
C LYS B 149 13.90 12.16 -0.04
N GLN B 150 12.71 12.60 -0.43
CA GLN B 150 12.51 14.02 -0.72
C GLN B 150 12.73 14.88 0.53
N HIS B 151 12.38 14.38 1.72
CA HIS B 151 12.58 15.20 2.92
C HIS B 151 14.06 15.47 3.14
N ILE B 152 14.90 14.46 2.90
CA ILE B 152 16.35 14.62 3.06
C ILE B 152 16.93 15.49 1.95
N GLU B 153 16.38 15.38 0.73
CA GLU B 153 16.75 16.31 -0.33
C GLU B 153 16.42 17.76 0.06
N LEU B 154 15.21 18.00 0.59
CA LEU B 154 14.89 19.34 1.07
C LEU B 154 15.85 19.76 2.18
N THR B 155 16.14 18.84 3.12
CA THR B 155 17.08 19.17 4.18
C THR B 155 18.44 19.59 3.63
N ARG B 156 18.98 18.84 2.67
CA ARG B 156 20.30 19.17 2.13
C ARG B 156 20.25 20.48 1.37
N ASN B 157 19.18 20.70 0.60
CA ASN B 157 19.01 21.97 -0.10
C ASN B 157 18.89 23.13 0.88
N LEU B 158 18.14 22.96 1.96
CA LEU B 158 18.02 24.05 2.94
C LEU B 158 19.37 24.31 3.59
N VAL B 159 20.16 23.26 3.82
CA VAL B 159 21.49 23.42 4.40
C VAL B 159 22.38 24.21 3.46
N ASP B 160 22.38 23.87 2.18
CA ASP B 160 23.20 24.62 1.21
C ASP B 160 22.76 26.06 1.17
N ARG B 161 21.46 26.29 1.14
CA ARG B 161 20.91 27.63 1.05
C ARG B 161 21.30 28.46 2.27
N PHE B 162 21.21 27.87 3.46
CA PHE B 162 21.62 28.58 4.66
C PHE B 162 23.12 28.85 4.67
N ASN B 163 23.93 27.84 4.37
CA ASN B 163 25.38 28.00 4.45
C ASN B 163 25.89 29.01 3.44
N SER B 164 25.26 29.08 2.27
CA SER B 164 25.74 29.98 1.23
C SER B 164 25.17 31.39 1.34
N ARG B 165 23.94 31.54 1.84
CA ARG B 165 23.34 32.86 1.97
C ARG B 165 23.70 33.55 3.27
N TYR B 166 23.87 32.81 4.36
CA TYR B 166 24.17 33.43 5.65
C TYR B 166 25.58 33.09 6.11
N ASN B 167 25.84 31.84 6.43
CA ASN B 167 27.10 31.50 7.07
C ASN B 167 27.18 29.99 7.15
N ASP B 168 28.37 29.47 6.87
CA ASP B 168 28.62 28.03 6.67
C ASP B 168 28.63 27.32 8.02
N VAL B 169 27.44 26.91 8.44
CA VAL B 169 27.16 26.50 9.81
C VAL B 169 26.52 25.12 9.89
N LEU B 170 25.71 24.77 8.89
CA LEU B 170 24.90 23.57 8.98
C LEU B 170 25.57 22.44 8.22
N VAL B 171 25.30 21.21 8.65
CA VAL B 171 25.90 20.00 8.02
C VAL B 171 24.82 19.27 7.21
N LYS B 172 25.15 18.89 5.98
CA LYS B 172 24.27 18.08 5.10
C LYS B 172 24.29 16.62 5.50
N PRO B 173 23.15 16.03 5.86
CA PRO B 173 23.11 14.60 6.16
C PRO B 173 22.95 13.73 4.92
N GLU B 174 23.26 12.44 5.09
CA GLU B 174 23.00 11.41 4.08
C GLU B 174 22.01 10.41 4.64
N ILE B 175 21.21 9.78 3.76
CA ILE B 175 20.40 8.65 4.16
C ILE B 175 21.33 7.45 4.28
N ARG B 176 21.36 6.84 5.47
CA ARG B 176 22.16 5.67 5.73
C ARG B 176 21.79 5.02 7.06
N MET B 177 21.59 3.70 7.00
CA MET B 177 21.42 2.80 8.15
C MET B 177 22.68 1.98 8.32
N PRO B 178 23.50 2.20 9.37
CA PRO B 178 24.83 1.54 9.45
C PRO B 178 24.80 0.02 9.29
N LYS B 179 23.83 -0.67 9.89
CA LYS B 179 23.71 -2.12 9.76
C LYS B 179 22.24 -2.44 9.48
N VAL B 180 21.97 -2.97 8.29
CA VAL B 180 20.63 -2.91 7.72
C VAL B 180 19.64 -3.78 8.50
N GLY B 181 19.99 -5.03 8.78
CA GLY B 181 19.00 -5.89 9.41
C GLY B 181 17.96 -6.36 8.39
N GLY B 182 17.38 -7.53 8.66
CA GLY B 182 16.53 -8.16 7.69
C GLY B 182 15.16 -7.51 7.60
N ARG B 183 14.63 -7.76 6.39
CA ARG B 183 13.28 -7.31 6.05
C ARG B 183 12.31 -8.42 6.45
N VAL B 184 11.33 -8.08 7.26
CA VAL B 184 10.32 -9.01 7.78
C VAL B 184 9.02 -8.61 7.09
N MET B 185 8.34 -9.56 6.45
CA MET B 185 7.20 -9.23 5.61
C MET B 185 5.91 -9.44 6.40
N SER B 186 4.80 -8.96 5.84
CA SER B 186 3.50 -9.16 6.48
C SER B 186 3.16 -10.66 6.53
N LEU B 187 2.68 -11.11 7.69
CA LEU B 187 2.51 -12.54 7.92
C LEU B 187 1.51 -13.16 6.95
N GLN B 188 0.40 -12.47 6.71
CA GLN B 188 -0.55 -13.06 5.73
C GLN B 188 -0.46 -12.33 4.39
N ASP B 189 0.69 -11.70 4.11
CA ASP B 189 0.92 -11.02 2.84
C ASP B 189 2.43 -10.92 2.60
N PRO B 190 3.09 -12.07 2.33
CA PRO B 190 4.56 -12.09 2.30
C PRO B 190 5.20 -11.33 1.14
N THR B 191 4.39 -10.61 0.35
CA THR B 191 4.92 -9.66 -0.60
C THR B 191 5.13 -8.27 0.02
N ARG B 192 4.12 -7.77 0.74
CA ARG B 192 4.20 -6.45 1.36
C ARG B 192 5.04 -6.51 2.63
N LYS B 193 5.65 -5.37 2.98
CA LYS B 193 6.40 -5.27 4.22
C LYS B 193 5.46 -5.29 5.41
N MET B 194 5.95 -5.79 6.55
CA MET B 194 5.19 -5.74 7.80
C MET B 194 5.14 -4.31 8.34
N SER B 195 3.95 -3.76 8.51
CA SER B 195 3.80 -2.39 8.98
C SER B 195 2.94 -2.35 10.23
N LYS B 196 3.32 -1.49 11.17
CA LYS B 196 2.53 -1.31 12.37
C LYS B 196 1.10 -0.86 12.08
N SER B 197 0.85 -0.28 10.90
CA SER B 197 -0.41 0.36 10.57
C SER B 197 -1.33 -0.51 9.72
N ASP B 198 -1.06 -1.81 9.64
CA ASP B 198 -1.86 -2.70 8.79
C ASP B 198 -3.29 -2.80 9.32
N ASP B 199 -4.26 -2.72 8.39
CA ASP B 199 -5.67 -2.85 8.74
C ASP B 199 -6.02 -4.27 9.16
N ASN B 200 -5.20 -5.25 8.78
CA ASN B 200 -5.34 -6.62 9.23
C ASN B 200 -4.30 -6.87 10.32
N ALA B 201 -4.75 -6.93 11.58
CA ALA B 201 -3.84 -7.10 12.71
C ALA B 201 -3.03 -8.39 12.63
N LYS B 202 -3.53 -9.41 11.95
CA LYS B 202 -2.79 -10.67 11.83
C LYS B 202 -1.65 -10.58 10.83
N ASN B 203 -1.39 -9.41 10.26
CA ASN B 203 -0.26 -9.20 9.37
C ASN B 203 1.04 -8.86 10.11
N PHE B 204 0.93 -8.28 11.30
CA PHE B 204 2.10 -7.88 12.07
C PHE B 204 2.06 -8.52 13.45
N ILE B 205 3.21 -8.52 14.11
CA ILE B 205 3.31 -8.90 15.51
C ILE B 205 3.86 -7.70 16.26
N SER B 206 3.01 -7.04 17.03
CA SER B 206 3.46 -5.86 17.76
C SER B 206 4.36 -6.29 18.91
N LEU B 207 5.31 -5.43 19.26
CA LEU B 207 6.14 -5.67 20.43
C LEU B 207 5.31 -5.62 21.71
N LEU B 208 4.08 -5.13 21.63
CA LEU B 208 3.15 -5.10 22.76
C LEU B 208 1.95 -6.03 22.54
N ASP B 209 1.98 -6.86 21.50
CA ASP B 209 0.99 -7.92 21.37
C ASP B 209 1.02 -8.84 22.58
N GLU B 210 -0.13 -9.38 22.94
CA GLU B 210 -0.13 -10.42 23.95
C GLU B 210 0.66 -11.62 23.42
N PRO B 211 1.63 -12.15 24.18
CA PRO B 211 2.50 -13.18 23.60
C PRO B 211 1.74 -14.37 23.05
N ASN B 212 0.64 -14.72 23.71
CA ASN B 212 -0.23 -15.78 23.19
C ASN B 212 -0.89 -15.39 21.87
N VAL B 213 -1.27 -14.11 21.72
CA VAL B 213 -1.82 -13.62 20.44
C VAL B 213 -0.75 -13.68 19.34
N ALA B 214 0.50 -13.39 19.68
CA ALA B 214 1.56 -13.46 18.68
C ALA B 214 1.77 -14.89 18.20
N ALA B 215 1.72 -15.86 19.12
CA ALA B 215 1.87 -17.25 18.73
C ALA B 215 0.80 -17.65 17.73
N LYS B 216 -0.43 -17.14 17.93
CA LYS B 216 -1.49 -17.42 16.97
C LYS B 216 -1.16 -16.85 15.60
N LYS B 217 -0.62 -15.63 15.56
CA LYS B 217 -0.33 -14.98 14.28
C LYS B 217 0.77 -15.73 13.53
N ILE B 218 1.70 -16.34 14.26
CA ILE B 218 2.76 -17.14 13.62
C ILE B 218 2.15 -18.33 12.89
N LYS B 219 1.20 -19.01 13.52
CA LYS B 219 0.59 -20.18 12.87
C LYS B 219 -0.37 -19.79 11.77
N SER B 220 -1.07 -18.66 11.92
CA SER B 220 -1.99 -18.16 10.90
C SER B 220 -1.26 -17.43 9.76
N ALA B 221 0.06 -17.41 9.78
CA ALA B 221 0.81 -16.84 8.66
C ALA B 221 0.58 -17.69 7.43
N VAL B 222 0.32 -17.04 6.30
CA VAL B 222 -0.03 -17.78 5.09
C VAL B 222 1.24 -18.41 4.52
N THR B 223 1.25 -19.75 4.48
CA THR B 223 2.32 -20.52 3.88
C THR B 223 1.68 -21.71 3.17
N ASP B 224 2.50 -22.66 2.73
CA ASP B 224 1.97 -23.91 2.21
C ASP B 224 1.33 -24.73 3.33
N SER B 225 0.44 -25.66 2.95
CA SER B 225 -0.12 -26.58 3.94
C SER B 225 0.99 -27.35 4.66
N ASP B 226 1.97 -27.85 3.90
CA ASP B 226 3.21 -28.40 4.46
C ASP B 226 4.31 -28.26 3.42
N GLY B 227 5.52 -28.58 3.84
CA GLY B 227 6.69 -28.44 3.00
C GLY B 227 7.94 -28.55 3.84
N ILE B 228 9.05 -28.08 3.30
CA ILE B 228 10.31 -28.12 4.02
C ILE B 228 10.73 -26.69 4.39
N ILE B 229 11.58 -26.62 5.41
CA ILE B 229 12.17 -25.38 5.92
C ILE B 229 13.37 -25.06 5.04
N LYS B 230 13.18 -24.17 4.07
CA LYS B 230 14.23 -23.79 3.12
C LYS B 230 13.98 -22.37 2.63
N PHE B 231 14.97 -21.51 2.82
CA PHE B 231 14.87 -20.12 2.41
C PHE B 231 14.64 -20.02 0.89
N ASP B 232 13.65 -19.21 0.51
CA ASP B 232 13.28 -19.00 -0.89
C ASP B 232 12.30 -17.84 -0.98
N ARG B 233 12.71 -16.74 -1.60
CA ARG B 233 11.83 -15.55 -1.57
C ARG B 233 10.78 -15.67 -2.68
N ASP B 234 10.97 -16.55 -3.64
CA ASP B 234 10.00 -16.64 -4.78
C ASP B 234 9.32 -18.01 -4.81
N ASN B 235 7.99 -18.07 -4.71
CA ASN B 235 7.19 -19.34 -4.69
C ASN B 235 7.24 -19.93 -3.28
N LYS B 236 8.19 -19.51 -2.45
CA LYS B 236 8.18 -19.93 -1.02
C LYS B 236 8.28 -18.67 -0.14
N PRO B 237 7.56 -17.55 -0.42
CA PRO B 237 7.76 -16.28 0.32
C PRO B 237 7.35 -16.37 1.78
N GLY B 238 6.21 -17.00 2.06
CA GLY B 238 5.69 -17.05 3.44
C GLY B 238 6.60 -17.85 4.35
N ILE B 239 6.91 -19.08 3.98
CA ILE B 239 7.70 -19.95 4.85
C ILE B 239 9.10 -19.38 5.07
N THR B 240 9.56 -18.57 4.11
CA THR B 240 10.84 -17.87 4.23
C THR B 240 10.77 -16.65 5.13
N ASN B 241 9.68 -15.90 5.06
CA ASN B 241 9.49 -14.83 6.03
C ASN B 241 9.50 -15.38 7.45
N LEU B 242 8.83 -16.51 7.67
CA LEU B 242 8.87 -17.17 8.97
C LEU B 242 10.28 -17.62 9.32
N ILE B 243 11.10 -17.94 8.32
CA ILE B 243 12.50 -18.23 8.57
C ILE B 243 13.25 -16.96 8.96
N SER B 244 12.99 -15.87 8.23
CA SER B 244 13.61 -14.59 8.55
C SER B 244 13.29 -14.17 9.98
N ILE B 245 12.02 -14.30 10.37
CA ILE B 245 11.66 -14.00 11.75
C ILE B 245 12.41 -14.92 12.72
N TYR B 246 12.45 -16.22 12.42
CA TYR B 246 13.18 -17.17 13.25
C TYR B 246 14.62 -16.73 13.44
N ALA B 247 15.29 -16.38 12.33
CA ALA B 247 16.68 -15.96 12.39
C ALA B 247 16.84 -14.65 13.16
N GLY B 248 15.86 -13.75 13.04
CA GLY B 248 15.98 -12.47 13.70
C GLY B 248 15.99 -12.56 15.21
N LEU B 249 15.15 -13.43 15.77
CA LEU B 249 14.96 -13.46 17.22
C LEU B 249 15.85 -14.46 17.94
N THR B 250 16.51 -15.34 17.19
CA THR B 250 17.42 -16.32 17.76
C THR B 250 18.87 -16.07 17.40
N ASP B 251 19.12 -15.34 16.31
CA ASP B 251 20.42 -15.09 15.71
C ASP B 251 21.01 -16.34 15.07
N MET B 252 20.29 -17.47 15.07
CA MET B 252 20.74 -18.63 14.33
C MET B 252 20.83 -18.30 12.84
N PRO B 253 21.87 -18.74 12.16
CA PRO B 253 21.97 -18.45 10.72
C PRO B 253 20.91 -19.22 9.96
N ILE B 254 20.52 -18.67 8.81
CA ILE B 254 19.49 -19.29 7.98
C ILE B 254 19.89 -20.70 7.58
N LYS B 255 21.15 -20.85 7.14
CA LYS B 255 21.62 -22.15 6.67
C LYS B 255 21.56 -23.20 7.78
N ASP B 256 21.74 -22.79 9.03
CA ASP B 256 21.61 -23.73 10.15
C ASP B 256 20.16 -24.13 10.38
N ILE B 257 19.25 -23.16 10.34
CA ILE B 257 17.84 -23.44 10.59
C ILE B 257 17.28 -24.36 9.51
N GLU B 258 17.65 -24.12 8.25
CA GLU B 258 17.22 -24.97 7.14
C GLU B 258 17.57 -26.43 7.38
N ALA B 259 18.71 -26.68 8.03
CA ALA B 259 19.14 -28.04 8.32
C ALA B 259 18.49 -28.60 9.59
N LYS B 260 18.47 -27.81 10.67
CA LYS B 260 17.86 -28.25 11.92
C LYS B 260 16.42 -28.68 11.73
N TYR B 261 15.82 -28.17 10.66
CA TYR B 261 14.41 -28.52 10.32
C TYR B 261 14.36 -29.05 8.88
N GLU B 262 15.10 -30.11 8.58
CA GLU B 262 15.10 -30.70 7.21
C GLU B 262 14.19 -31.94 7.19
N GLY B 263 13.92 -32.52 8.35
CA GLY B 263 13.08 -33.72 8.46
C GLY B 263 11.75 -33.36 9.07
N GLU B 264 11.75 -32.43 10.04
CA GLU B 264 10.47 -31.94 10.56
C GLU B 264 9.87 -31.02 9.50
N GLY B 265 8.60 -30.65 9.66
CA GLY B 265 8.03 -29.70 8.71
C GLY B 265 7.37 -28.52 9.41
N TYR B 266 6.41 -27.88 8.74
CA TYR B 266 5.75 -26.66 9.29
C TYR B 266 5.25 -26.84 10.74
N GLY B 267 4.54 -27.92 11.09
CA GLY B 267 3.98 -27.95 12.44
C GLY B 267 5.05 -27.83 13.52
N LYS B 268 6.16 -28.56 13.37
CA LYS B 268 7.24 -28.45 14.34
C LYS B 268 7.93 -27.08 14.22
N PHE B 269 8.07 -26.58 12.98
CA PHE B 269 8.63 -25.26 12.75
C PHE B 269 7.77 -24.18 13.38
N LYS B 270 6.53 -24.03 12.91
CA LYS B 270 5.64 -22.99 13.40
C LYS B 270 5.42 -23.11 14.90
N GLY B 271 5.31 -24.33 15.41
CA GLY B 271 5.11 -24.49 16.84
C GLY B 271 6.29 -23.98 17.65
N ASP B 272 7.50 -24.26 17.17
CA ASP B 272 8.69 -23.78 17.87
C ASP B 272 8.89 -22.29 17.65
N LEU B 273 8.52 -21.79 16.46
CA LEU B 273 8.63 -20.36 16.19
C LEU B 273 7.65 -19.57 17.03
N ALA B 274 6.39 -20.01 17.08
CA ALA B 274 5.42 -19.38 17.97
C ALA B 274 5.93 -19.39 19.41
N GLU B 275 6.54 -20.49 19.84
CA GLU B 275 7.11 -20.55 21.19
C GLU B 275 8.30 -19.62 21.37
N ILE B 276 9.09 -19.40 20.30
CA ILE B 276 10.22 -18.48 20.36
C ILE B 276 9.72 -17.05 20.43
N VAL B 277 8.78 -16.70 19.54
CA VAL B 277 8.17 -15.38 19.54
C VAL B 277 7.51 -15.09 20.88
N LYS B 278 6.81 -16.08 21.44
CA LYS B 278 6.16 -15.88 22.71
C LYS B 278 7.19 -15.66 23.82
N ALA B 279 8.29 -16.42 23.80
CA ALA B 279 9.34 -16.22 24.79
C ALA B 279 10.02 -14.88 24.61
N PHE B 280 10.29 -14.46 23.37
CA PHE B 280 10.90 -13.17 23.14
C PHE B 280 9.99 -12.06 23.66
N LEU B 281 8.70 -12.14 23.33
CA LEU B 281 7.75 -11.14 23.75
C LEU B 281 7.65 -11.08 25.28
N VAL B 282 7.78 -12.23 25.94
CA VAL B 282 7.73 -12.23 27.40
C VAL B 282 8.99 -11.58 27.98
N GLU B 283 10.17 -11.91 27.44
CA GLU B 283 11.40 -11.30 27.94
C GLU B 283 11.43 -9.80 27.67
N PHE B 284 10.95 -9.41 26.49
CA PHE B 284 10.95 -8.01 26.08
C PHE B 284 9.94 -7.20 26.90
N GLN B 285 8.74 -7.72 27.06
CA GLN B 285 7.71 -7.01 27.80
C GLN B 285 8.03 -6.89 29.28
N GLU B 286 8.92 -7.74 29.82
CA GLU B 286 9.36 -7.53 31.20
C GLU B 286 10.25 -6.30 31.31
N LYS B 287 11.25 -6.19 30.42
CA LYS B 287 12.06 -4.98 30.39
C LYS B 287 11.18 -3.75 30.17
N TYR B 288 10.27 -3.84 29.20
CA TYR B 288 9.40 -2.71 28.84
C TYR B 288 8.56 -2.27 30.02
N GLU B 289 7.93 -3.24 30.71
CA GLU B 289 7.09 -2.90 31.86
C GLU B 289 7.91 -2.27 32.96
N SER B 290 9.11 -2.79 33.22
CA SER B 290 9.96 -2.19 34.25
C SER B 290 10.28 -0.74 33.91
N PHE B 291 10.65 -0.46 32.66
CA PHE B 291 10.95 0.93 32.27
C PHE B 291 9.72 1.81 32.32
N TYR B 292 8.60 1.33 31.75
CA TYR B 292 7.40 2.15 31.64
C TYR B 292 6.94 2.65 33.01
N ASN B 293 7.01 1.79 34.03
CA ASN B 293 6.59 2.17 35.37
C ASN B 293 7.73 2.68 36.24
N SER B 294 8.97 2.56 35.78
CA SER B 294 10.10 3.03 36.56
C SER B 294 10.01 4.54 36.76
N ASP B 295 10.41 5.01 37.95
CA ASP B 295 10.63 6.44 38.13
C ASP B 295 11.90 6.89 37.41
N LYS B 296 12.87 5.98 37.26
CA LYS B 296 14.07 6.29 36.48
C LYS B 296 13.78 6.49 35.00
N LEU B 297 12.57 6.18 34.53
CA LEU B 297 12.23 6.54 33.16
C LEU B 297 12.23 8.06 32.97
N ASP B 298 11.65 8.78 33.92
CA ASP B 298 11.60 10.24 33.80
C ASP B 298 12.99 10.85 33.98
N ASP B 299 13.81 10.28 34.87
CA ASP B 299 15.20 10.70 34.95
C ASP B 299 15.94 10.43 33.65
N ILE B 300 15.69 9.28 33.03
CA ILE B 300 16.38 8.94 31.79
C ILE B 300 16.01 9.93 30.69
N LEU B 301 14.73 10.29 30.61
CA LEU B 301 14.30 11.27 29.61
C LEU B 301 14.79 12.67 29.97
N ASP B 302 14.96 12.96 31.25
CA ASP B 302 15.64 14.19 31.68
C ASP B 302 17.07 14.24 31.13
N GLN B 303 17.82 13.15 31.25
CA GLN B 303 19.20 13.16 30.80
C GLN B 303 19.27 13.39 29.29
N GLY B 304 18.41 12.71 28.53
CA GLY B 304 18.42 12.89 27.08
C GLY B 304 18.03 14.28 26.65
N ARG B 305 16.98 14.84 27.27
CA ARG B 305 16.61 16.23 26.99
C ARG B 305 17.79 17.15 27.22
N ASP B 306 18.55 16.91 28.30
CA ASP B 306 19.66 17.79 28.65
C ASP B 306 20.80 17.66 27.65
N LYS B 307 21.14 16.43 27.25
CA LYS B 307 22.19 16.23 26.27
C LYS B 307 21.82 16.83 24.93
N ALA B 308 20.59 16.58 24.47
CA ALA B 308 20.16 17.12 23.18
C ALA B 308 20.05 18.63 23.23
N HIS B 309 19.58 19.17 24.36
CA HIS B 309 19.50 20.63 24.49
C HIS B 309 20.88 21.27 24.40
N LYS B 310 21.88 20.66 25.05
CA LYS B 310 23.21 21.27 25.04
C LYS B 310 23.74 21.38 23.62
N VAL B 311 23.61 20.32 22.83
CA VAL B 311 24.18 20.30 21.50
C VAL B 311 23.39 21.19 20.55
N SER B 312 22.07 21.05 20.56
CA SER B 312 21.25 21.82 19.64
C SER B 312 21.25 23.31 19.99
N PHE B 313 21.55 23.67 21.24
CA PHE B 313 21.62 25.06 21.61
C PHE B 313 22.70 25.77 20.82
N LYS B 314 23.91 25.18 20.78
CA LYS B 314 25.02 25.77 20.03
C LYS B 314 24.60 26.02 18.59
N THR B 315 23.98 25.02 17.97
CA THR B 315 23.58 25.14 16.57
C THR B 315 22.53 26.24 16.39
N VAL B 316 21.51 26.28 17.25
CA VAL B 316 20.49 27.33 17.16
C VAL B 316 21.13 28.71 17.25
N LYS B 317 22.06 28.89 18.19
CA LYS B 317 22.70 30.19 18.37
C LYS B 317 23.55 30.55 17.14
N LYS B 318 24.28 29.58 16.58
CA LYS B 318 25.02 29.89 15.36
C LYS B 318 24.08 30.36 14.26
N MET B 319 22.92 29.71 14.13
CA MET B 319 21.95 30.10 13.12
C MET B 319 21.40 31.50 13.38
N GLU B 320 20.97 31.75 14.63
CA GLU B 320 20.41 33.05 15.00
C GLU B 320 21.39 34.16 14.72
N LYS B 321 22.67 33.95 15.05
CA LYS B 321 23.70 34.94 14.76
C LYS B 321 23.78 35.20 13.26
N ALA B 322 23.84 34.12 12.47
CA ALA B 322 23.99 34.26 11.02
C ALA B 322 22.80 35.01 10.41
N MET B 323 21.61 34.85 10.97
CA MET B 323 20.45 35.52 10.44
C MET B 323 20.24 36.90 11.05
N GLY B 324 20.89 37.18 12.18
CA GLY B 324 20.74 38.47 12.84
C GLY B 324 19.59 38.56 13.81
N LEU B 325 19.03 37.44 14.24
CA LEU B 325 18.07 37.45 15.33
C LEU B 325 18.75 37.87 16.63
N GLY B 326 17.93 38.28 17.60
CA GLY B 326 18.46 38.61 18.93
C GLY B 326 19.47 39.73 18.90
N ARG B 327 20.49 39.61 19.75
CA ARG B 327 21.48 40.65 19.99
C ARG B 327 22.86 40.00 20.07
N LYS B 328 23.90 40.83 20.03
CA LYS B 328 25.28 40.34 20.21
C LYS B 328 25.46 39.87 21.66
N MET C 1 -41.36 -22.63 10.20
CA MET C 1 -40.38 -21.78 9.52
C MET C 1 -39.76 -20.79 10.50
N GLU C 2 -38.47 -20.54 10.33
CA GLU C 2 -37.85 -19.34 10.85
C GLU C 2 -38.19 -18.14 9.97
N THR C 3 -38.25 -16.96 10.56
CA THR C 3 -38.69 -15.76 9.85
C THR C 3 -37.49 -14.90 9.48
N LEU C 4 -37.39 -14.56 8.20
CA LEU C 4 -36.33 -13.74 7.67
C LEU C 4 -36.91 -12.40 7.26
N PHE C 5 -36.23 -11.31 7.61
CA PHE C 5 -36.62 -9.96 7.21
C PHE C 5 -35.48 -9.23 6.53
N SER C 6 -35.74 -8.71 5.34
CA SER C 6 -34.76 -7.89 4.62
C SER C 6 -35.35 -6.52 4.25
N GLY C 7 -34.66 -5.45 4.66
CA GLY C 7 -35.04 -4.11 4.28
C GLY C 7 -34.34 -3.61 3.03
N ILE C 8 -35.12 -3.31 1.98
CA ILE C 8 -34.60 -2.97 0.66
C ILE C 8 -34.66 -1.45 0.48
N GLN C 9 -33.50 -0.81 0.43
CA GLN C 9 -33.46 0.62 0.16
C GLN C 9 -33.99 0.91 -1.25
N PRO C 10 -35.00 1.77 -1.42
CA PRO C 10 -35.53 2.03 -2.77
C PRO C 10 -34.46 2.43 -3.79
N SER C 11 -33.41 3.12 -3.36
CA SER C 11 -32.41 3.65 -4.27
C SER C 11 -31.27 2.69 -4.56
N GLY C 12 -31.23 1.53 -3.91
CA GLY C 12 -30.16 0.60 -4.12
C GLY C 12 -30.49 -0.47 -5.15
N ILE C 13 -30.01 -0.28 -6.38
CA ILE C 13 -30.20 -1.23 -7.47
C ILE C 13 -29.23 -2.37 -7.25
N PRO C 14 -29.70 -3.60 -7.04
CA PRO C 14 -28.77 -4.70 -6.77
C PRO C 14 -27.89 -4.99 -7.98
N THR C 15 -26.68 -5.47 -7.72
CA THR C 15 -25.71 -5.91 -8.71
C THR C 15 -25.82 -7.41 -8.96
N ILE C 16 -25.12 -7.89 -10.00
CA ILE C 16 -24.94 -9.33 -10.15
C ILE C 16 -24.27 -9.90 -8.91
N GLY C 17 -23.44 -9.10 -8.25
CA GLY C 17 -22.89 -9.53 -6.96
C GLY C 17 -23.98 -9.76 -5.93
N ASN C 18 -24.92 -8.81 -5.80
CA ASN C 18 -26.05 -9.02 -4.88
C ASN C 18 -26.92 -10.18 -5.34
N TYR C 19 -27.12 -10.31 -6.66
CA TYR C 19 -27.96 -11.38 -7.19
C TYR C 19 -27.37 -12.75 -6.87
N ILE C 20 -26.07 -12.91 -7.11
CA ILE C 20 -25.43 -14.21 -6.90
C ILE C 20 -25.34 -14.51 -5.41
N GLY C 21 -25.05 -13.50 -4.60
CA GLY C 21 -24.92 -13.71 -3.17
C GLY C 21 -26.24 -13.90 -2.45
N ALA C 22 -27.21 -13.00 -2.68
CA ALA C 22 -28.43 -12.99 -1.89
C ALA C 22 -29.69 -13.29 -2.70
N LEU C 23 -29.96 -12.52 -3.76
CA LEU C 23 -31.25 -12.64 -4.44
C LEU C 23 -31.50 -14.06 -4.91
N LYS C 24 -30.51 -14.71 -5.51
CA LYS C 24 -30.71 -16.07 -6.08
C LYS C 24 -30.95 -17.08 -4.96
N GLN C 25 -30.33 -16.86 -3.82
CA GLN C 25 -30.48 -17.80 -2.69
C GLN C 25 -31.86 -17.60 -2.06
N PHE C 26 -32.39 -16.37 -2.11
CA PHE C 26 -33.75 -16.14 -1.59
C PHE C 26 -34.74 -16.86 -2.49
N VAL C 27 -34.38 -17.16 -3.73
CA VAL C 27 -35.31 -17.92 -4.55
C VAL C 27 -35.48 -19.33 -4.00
N ASP C 28 -34.38 -19.92 -3.53
CA ASP C 28 -34.45 -21.23 -2.89
C ASP C 28 -34.95 -21.11 -1.46
N VAL C 29 -34.50 -20.10 -0.72
CA VAL C 29 -34.73 -20.05 0.71
C VAL C 29 -36.18 -19.71 1.05
N GLN C 30 -36.90 -19.00 0.18
CA GLN C 30 -38.27 -18.60 0.49
C GLN C 30 -39.18 -19.80 0.75
N ASN C 31 -38.79 -20.99 0.27
CA ASN C 31 -39.52 -22.21 0.54
C ASN C 31 -39.42 -22.64 2.01
N ASP C 32 -38.26 -22.42 2.63
CA ASP C 32 -37.99 -22.97 3.96
C ASP C 32 -37.99 -21.93 5.07
N TYR C 33 -38.05 -20.66 4.73
CA TYR C 33 -38.09 -19.59 5.68
C TYR C 33 -39.29 -18.71 5.35
N ASP C 34 -39.87 -18.14 6.41
CA ASP C 34 -40.95 -17.13 6.26
C ASP C 34 -40.21 -15.84 5.96
N CYS C 35 -40.36 -15.32 4.77
CA CYS C 35 -39.50 -14.25 4.28
C CYS C 35 -40.30 -12.97 4.02
N TYR C 36 -39.75 -11.87 4.55
CA TYR C 36 -40.36 -10.53 4.38
C TYR C 36 -39.37 -9.64 3.67
N PHE C 37 -39.75 -9.14 2.50
CA PHE C 37 -38.93 -8.23 1.72
C PHE C 37 -39.62 -6.87 1.68
N CYS C 38 -39.04 -5.91 2.39
CA CYS C 38 -39.70 -4.65 2.74
C CYS C 38 -38.98 -3.50 2.07
N ILE C 39 -39.64 -2.88 1.09
CA ILE C 39 -39.07 -1.72 0.43
C ILE C 39 -39.24 -0.52 1.36
N VAL C 40 -38.14 -0.03 1.92
CA VAL C 40 -38.20 0.87 3.08
C VAL C 40 -38.17 2.30 2.56
N ASP C 41 -39.30 2.75 2.02
CA ASP C 41 -39.36 4.10 1.51
C ASP C 41 -39.41 5.16 2.62
N GLN C 42 -39.84 4.78 3.82
CA GLN C 42 -39.82 5.74 4.94
C GLN C 42 -38.38 5.95 5.41
N HIS C 43 -37.48 5.00 5.14
CA HIS C 43 -36.07 5.25 5.41
C HIS C 43 -35.42 6.05 4.29
N ALA C 44 -35.95 5.93 3.07
CA ALA C 44 -35.40 6.69 1.97
C ALA C 44 -35.53 8.20 2.18
N ILE C 45 -36.57 8.66 2.89
CA ILE C 45 -36.77 10.11 3.07
C ILE C 45 -36.04 10.65 4.29
N THR C 46 -35.10 9.88 4.87
CA THR C 46 -34.21 10.49 5.86
C THR C 46 -33.16 11.39 5.22
N MET C 47 -33.07 11.39 3.89
CA MET C 47 -32.47 12.40 3.03
C MET C 47 -33.58 13.03 2.19
N PRO C 48 -33.45 14.28 1.77
CA PRO C 48 -34.48 14.85 0.89
C PRO C 48 -34.50 14.14 -0.45
N GLN C 49 -35.69 13.70 -0.87
CA GLN C 49 -35.90 12.89 -2.06
C GLN C 49 -36.81 13.61 -3.03
N ASP C 50 -36.47 13.58 -4.32
CA ASP C 50 -37.44 13.99 -5.33
C ASP C 50 -38.60 12.99 -5.37
N ARG C 51 -39.83 13.52 -5.47
CA ARG C 51 -41.03 12.69 -5.31
C ARG C 51 -41.24 11.75 -6.49
N LEU C 52 -41.03 12.24 -7.73
CA LEU C 52 -41.09 11.36 -8.89
C LEU C 52 -40.01 10.30 -8.80
N LYS C 53 -38.78 10.70 -8.46
CA LYS C 53 -37.66 9.78 -8.41
C LYS C 53 -37.90 8.64 -7.41
N LEU C 54 -38.38 9.00 -6.21
CA LEU C 54 -38.56 7.98 -5.17
C LEU C 54 -39.65 6.98 -5.53
N ARG C 55 -40.78 7.47 -6.05
CA ARG C 55 -41.85 6.58 -6.49
C ARG C 55 -41.35 5.60 -7.54
N LYS C 56 -40.58 6.09 -8.51
CA LYS C 56 -40.02 5.24 -9.54
C LYS C 56 -39.12 4.16 -8.93
N GLN C 57 -38.20 4.58 -8.06
CA GLN C 57 -37.23 3.65 -7.49
C GLN C 57 -37.92 2.54 -6.71
N THR C 58 -38.86 2.93 -5.86
CA THR C 58 -39.65 1.97 -5.10
C THR C 58 -40.25 0.92 -6.04
N ARG C 59 -40.79 1.38 -7.17
CA ARG C 59 -41.38 0.45 -8.12
C ARG C 59 -40.33 -0.44 -8.79
N GLN C 60 -39.17 0.14 -9.15
CA GLN C 60 -38.12 -0.64 -9.79
C GLN C 60 -37.67 -1.77 -8.88
N LEU C 61 -37.44 -1.45 -7.59
CA LEU C 61 -36.95 -2.46 -6.67
C LEU C 61 -37.94 -3.60 -6.53
N ALA C 62 -39.24 -3.29 -6.48
CA ALA C 62 -40.25 -4.34 -6.51
C ALA C 62 -40.12 -5.16 -7.78
N ALA C 63 -39.99 -4.49 -8.92
CA ALA C 63 -39.81 -5.21 -10.18
C ALA C 63 -38.58 -6.09 -10.14
N ILE C 64 -37.47 -5.55 -9.63
CA ILE C 64 -36.21 -6.28 -9.61
C ILE C 64 -36.32 -7.52 -8.73
N TYR C 65 -36.91 -7.40 -7.55
CA TYR C 65 -37.05 -8.56 -6.68
C TYR C 65 -37.99 -9.60 -7.30
N LEU C 66 -39.06 -9.16 -7.95
CA LEU C 66 -39.96 -10.10 -8.61
C LEU C 66 -39.26 -10.78 -9.78
N ALA C 67 -38.48 -10.02 -10.55
CA ALA C 67 -37.77 -10.55 -11.69
C ALA C 67 -36.72 -11.56 -11.27
N SER C 68 -36.19 -11.44 -10.05
CA SER C 68 -35.17 -12.33 -9.54
C SER C 68 -35.73 -13.68 -9.12
N GLY C 69 -37.04 -13.84 -9.04
CA GLY C 69 -37.64 -15.07 -8.58
C GLY C 69 -38.27 -15.02 -7.20
N ILE C 70 -38.35 -13.85 -6.55
CA ILE C 70 -39.11 -13.77 -5.31
C ILE C 70 -40.58 -14.03 -5.63
N ASP C 71 -41.18 -15.01 -4.95
CA ASP C 71 -42.55 -15.38 -5.24
C ASP C 71 -43.49 -14.68 -4.28
N PRO C 72 -44.46 -13.90 -4.79
CA PRO C 72 -45.35 -13.13 -3.90
C PRO C 72 -46.26 -13.99 -3.03
N ASP C 73 -46.34 -15.29 -3.30
CA ASP C 73 -47.11 -16.22 -2.47
C ASP C 73 -46.27 -16.84 -1.37
N LYS C 74 -45.02 -17.18 -1.67
CA LYS C 74 -44.11 -17.75 -0.67
C LYS C 74 -43.54 -16.68 0.26
N ALA C 75 -43.20 -15.52 -0.28
CA ALA C 75 -42.56 -14.46 0.45
C ALA C 75 -43.52 -13.28 0.56
N THR C 76 -43.18 -12.32 1.42
CA THR C 76 -44.01 -11.13 1.57
C THR C 76 -43.21 -9.93 1.05
N LEU C 77 -43.59 -9.45 -0.12
CA LEU C 77 -42.95 -8.29 -0.73
C LEU C 77 -43.88 -7.09 -0.54
N PHE C 78 -43.39 -6.05 0.15
CA PHE C 78 -44.27 -4.92 0.43
C PHE C 78 -43.47 -3.64 0.66
N ILE C 79 -44.21 -2.54 0.58
CA ILE C 79 -43.69 -1.20 0.78
C ILE C 79 -43.90 -0.78 2.23
N GLN C 80 -42.85 -0.28 2.87
CA GLN C 80 -42.87 0.00 4.30
C GLN C 80 -43.94 1.02 4.67
N SER C 81 -44.05 2.12 3.91
CA SER C 81 -44.98 3.18 4.28
C SER C 81 -46.43 2.76 4.17
N GLU C 82 -46.72 1.64 3.49
CA GLU C 82 -48.09 1.17 3.32
C GLU C 82 -48.55 0.32 4.48
N VAL C 83 -47.69 0.10 5.46
CA VAL C 83 -47.99 -0.72 6.62
C VAL C 83 -47.77 0.14 7.85
N PRO C 84 -48.84 0.64 8.47
CA PRO C 84 -48.67 1.67 9.51
C PRO C 84 -47.83 1.21 10.67
N ALA C 85 -47.73 -0.11 10.88
CA ALA C 85 -47.13 -0.60 12.11
C ALA C 85 -45.66 -0.22 12.23
N HIS C 86 -44.98 0.00 11.11
CA HIS C 86 -43.56 0.31 11.18
C HIS C 86 -43.32 1.59 11.97
N VAL C 87 -44.06 2.66 11.66
CA VAL C 87 -43.85 3.89 12.40
C VAL C 87 -44.50 3.83 13.77
N GLN C 88 -45.59 3.06 13.94
CA GLN C 88 -46.17 2.88 15.26
C GLN C 88 -45.21 2.20 16.24
N ALA C 89 -44.63 1.07 15.83
CA ALA C 89 -43.65 0.41 16.69
C ALA C 89 -42.37 1.20 16.74
N GLY C 90 -42.02 1.86 15.64
CA GLY C 90 -40.85 2.71 15.63
C GLY C 90 -40.95 3.82 16.66
N TRP C 91 -42.13 4.44 16.82
CA TRP C 91 -42.29 5.42 17.88
C TRP C 91 -42.09 4.77 19.25
N MET C 92 -42.77 3.65 19.47
CA MET C 92 -42.68 3.01 20.77
C MET C 92 -41.25 2.63 21.12
N LEU C 93 -40.50 2.10 20.17
CA LEU C 93 -39.10 1.76 20.42
C LEU C 93 -38.25 3.01 20.61
N THR C 94 -38.56 4.09 19.89
CA THR C 94 -37.86 5.35 20.11
C THR C 94 -38.02 5.84 21.55
N THR C 95 -39.17 5.61 22.17
CA THR C 95 -39.36 6.16 23.51
C THR C 95 -38.46 5.46 24.54
N ILE C 96 -38.07 4.21 24.29
CA ILE C 96 -37.22 3.48 25.22
C ILE C 96 -35.75 3.49 24.83
N ALA C 97 -35.42 3.98 23.64
CA ALA C 97 -34.03 4.23 23.29
C ALA C 97 -33.51 5.46 24.03
N SER C 98 -32.22 5.74 23.88
CA SER C 98 -31.63 6.93 24.47
C SER C 98 -30.97 7.78 23.39
N VAL C 99 -30.82 9.08 23.67
CA VAL C 99 -30.16 9.97 22.73
C VAL C 99 -28.73 9.53 22.47
N GLY C 100 -28.06 9.01 23.50
CA GLY C 100 -26.69 8.54 23.31
C GLY C 100 -26.61 7.38 22.35
N GLU C 101 -27.51 6.41 22.46
CA GLU C 101 -27.54 5.27 21.55
C GLU C 101 -27.73 5.73 20.12
N LEU C 102 -28.63 6.68 19.90
CA LEU C 102 -28.83 7.18 18.54
C LEU C 102 -27.60 7.91 18.03
N GLU C 103 -26.99 8.74 18.89
CA GLU C 103 -25.84 9.54 18.48
C GLU C 103 -24.61 8.69 18.21
N ARG C 104 -24.50 7.53 18.86
CA ARG C 104 -23.34 6.68 18.65
C ARG C 104 -23.41 5.90 17.34
N MET C 105 -24.60 5.73 16.76
CA MET C 105 -24.70 5.08 15.45
C MET C 105 -24.13 5.96 14.35
N THR C 106 -24.64 7.19 14.22
CA THR C 106 -24.39 8.10 13.09
C THR C 106 -22.93 8.21 12.67
N GLY C 118 -29.21 22.64 8.33
CA GLY C 118 -28.81 21.67 9.33
C GLY C 118 -28.92 20.22 8.87
N ILE C 119 -28.71 19.31 9.81
CA ILE C 119 -28.63 17.87 9.52
C ILE C 119 -30.03 17.28 9.63
N PRO C 120 -30.64 16.81 8.54
CA PRO C 120 -31.99 16.21 8.63
C PRO C 120 -32.09 15.19 9.76
N ALA C 121 -33.09 15.39 10.61
CA ALA C 121 -33.18 14.66 11.88
C ALA C 121 -33.41 13.18 11.69
N GLY C 122 -33.97 12.77 10.56
CA GLY C 122 -34.13 11.34 10.31
C GLY C 122 -32.81 10.60 10.31
N LEU C 123 -31.73 11.27 9.89
CA LEU C 123 -30.40 10.65 9.94
C LEU C 123 -30.04 10.19 11.34
N LEU C 124 -30.52 10.88 12.37
CA LEU C 124 -30.24 10.50 13.75
C LEU C 124 -31.27 9.55 14.32
N THR C 125 -32.53 9.71 13.92
CA THR C 125 -33.65 9.10 14.62
C THR C 125 -34.17 7.84 13.95
N TYR C 126 -33.59 7.43 12.82
CA TYR C 126 -34.05 6.24 12.12
C TYR C 126 -33.76 4.89 12.80
N PRO C 127 -32.72 4.72 13.63
CA PRO C 127 -32.36 3.34 14.07
C PRO C 127 -33.49 2.63 14.80
N PRO C 128 -34.30 3.32 15.64
CA PRO C 128 -35.44 2.59 16.22
C PRO C 128 -36.50 2.23 15.21
N LEU C 129 -36.62 3.01 14.14
CA LEU C 129 -37.55 2.62 13.09
C LEU C 129 -37.02 1.40 12.34
N MET C 130 -35.71 1.32 12.13
CA MET C 130 -35.15 0.11 11.54
C MET C 130 -35.29 -1.08 12.47
N ALA C 131 -35.03 -0.90 13.75
CA ALA C 131 -35.32 -1.94 14.73
C ALA C 131 -36.78 -2.39 14.64
N ALA C 132 -37.69 -1.46 14.41
CA ALA C 132 -39.11 -1.79 14.39
C ALA C 132 -39.49 -2.60 13.17
N ASP C 133 -38.97 -2.20 11.99
CA ASP C 133 -39.11 -2.99 10.78
C ASP C 133 -38.90 -4.47 11.07
N ILE C 134 -37.77 -4.79 11.70
CA ILE C 134 -37.37 -6.17 11.95
C ILE C 134 -38.33 -6.86 12.91
N VAL C 135 -38.41 -6.36 14.15
CA VAL C 135 -39.13 -7.05 15.21
C VAL C 135 -40.63 -7.15 14.98
N LEU C 136 -41.19 -6.39 14.01
CA LEU C 136 -42.62 -6.45 13.80
C LEU C 136 -43.06 -7.86 13.40
N TYR C 137 -42.22 -8.55 12.63
CA TYR C 137 -42.54 -9.84 12.06
C TYR C 137 -41.87 -11.00 12.79
N ASN C 138 -41.44 -10.77 14.04
CA ASN C 138 -40.83 -11.81 14.88
C ASN C 138 -39.65 -12.46 14.16
N THR C 139 -38.76 -11.58 13.71
CA THR C 139 -37.68 -11.95 12.80
C THR C 139 -36.56 -12.64 13.55
N ASN C 140 -36.18 -13.80 13.03
CA ASN C 140 -35.07 -14.54 13.63
C ASN C 140 -33.77 -14.14 12.93
N ILE C 141 -33.79 -13.97 11.61
CA ILE C 141 -32.56 -13.78 10.86
C ILE C 141 -32.70 -12.57 9.95
N VAL C 142 -31.72 -11.68 10.01
CA VAL C 142 -31.63 -10.54 9.11
C VAL C 142 -30.39 -10.74 8.24
N PRO C 143 -30.55 -10.95 6.94
CA PRO C 143 -29.40 -11.11 6.02
C PRO C 143 -28.79 -9.76 5.65
N VAL C 144 -27.95 -9.23 6.53
CA VAL C 144 -27.27 -7.97 6.27
C VAL C 144 -25.76 -8.20 6.37
N GLY C 145 -25.01 -7.25 5.79
CA GLY C 145 -23.57 -7.26 5.90
C GLY C 145 -23.09 -6.62 7.19
N ASP C 146 -21.77 -6.63 7.37
CA ASP C 146 -21.15 -6.07 8.56
C ASP C 146 -21.43 -4.59 8.71
N ASP C 147 -21.79 -3.90 7.63
CA ASP C 147 -22.15 -2.49 7.69
C ASP C 147 -23.42 -2.23 8.50
N GLN C 148 -24.19 -3.27 8.83
CA GLN C 148 -25.40 -3.15 9.63
C GLN C 148 -25.28 -3.85 10.97
N LYS C 149 -24.06 -4.14 11.43
CA LYS C 149 -23.90 -4.93 12.66
C LYS C 149 -24.30 -4.12 13.90
N GLN C 150 -23.80 -2.88 14.01
CA GLN C 150 -24.24 -2.03 15.11
C GLN C 150 -25.75 -1.80 15.09
N HIS C 151 -26.35 -1.79 13.90
CA HIS C 151 -27.80 -1.62 13.80
C HIS C 151 -28.53 -2.80 14.41
N ILE C 152 -28.06 -4.01 14.14
CA ILE C 152 -28.71 -5.18 14.72
C ILE C 152 -28.44 -5.26 16.20
N GLU C 153 -27.27 -4.78 16.65
CA GLU C 153 -26.98 -4.77 18.08
C GLU C 153 -27.93 -3.84 18.82
N LEU C 154 -28.25 -2.69 18.23
CA LEU C 154 -29.27 -1.84 18.82
C LEU C 154 -30.64 -2.52 18.84
N THR C 155 -31.03 -3.17 17.73
CA THR C 155 -32.33 -3.84 17.71
C THR C 155 -32.42 -4.86 18.83
N ARG C 156 -31.38 -5.68 18.98
CA ARG C 156 -31.36 -6.67 20.06
C ARG C 156 -31.37 -6.00 21.42
N ASN C 157 -30.59 -4.93 21.58
CA ASN C 157 -30.58 -4.23 22.87
C ASN C 157 -31.95 -3.64 23.20
N LEU C 158 -32.68 -3.14 22.19
CA LEU C 158 -34.02 -2.62 22.41
C LEU C 158 -35.04 -3.74 22.63
N VAL C 159 -34.76 -4.93 22.11
CA VAL C 159 -35.67 -6.07 22.32
C VAL C 159 -35.57 -6.55 23.76
N ASP C 160 -34.35 -6.67 24.27
CA ASP C 160 -34.16 -7.08 25.65
C ASP C 160 -34.63 -6.01 26.62
N ARG C 161 -34.36 -4.74 26.30
CA ARG C 161 -34.89 -3.65 27.12
C ARG C 161 -36.41 -3.64 27.09
N PHE C 162 -37.02 -3.89 25.93
CA PHE C 162 -38.47 -3.94 25.87
C PHE C 162 -39.02 -5.10 26.69
N ASN C 163 -38.47 -6.30 26.49
CA ASN C 163 -39.04 -7.50 27.10
C ASN C 163 -38.94 -7.48 28.61
N SER C 164 -37.83 -6.98 29.16
CA SER C 164 -37.72 -6.96 30.61
C SER C 164 -38.57 -5.84 31.22
N ARG C 165 -38.65 -4.69 30.54
CA ARG C 165 -39.35 -3.54 31.11
C ARG C 165 -40.86 -3.72 31.05
N TYR C 166 -41.41 -4.24 29.96
CA TYR C 166 -42.85 -4.32 29.81
C TYR C 166 -43.34 -5.76 29.78
N ASN C 167 -43.00 -6.53 28.75
CA ASN C 167 -43.61 -7.83 28.50
C ASN C 167 -42.78 -8.57 27.47
N ASP C 168 -42.74 -9.89 27.58
CA ASP C 168 -41.84 -10.73 26.78
C ASP C 168 -42.50 -11.04 25.44
N VAL C 169 -42.51 -10.03 24.57
CA VAL C 169 -43.34 -10.05 23.36
C VAL C 169 -42.53 -9.89 22.06
N LEU C 170 -41.27 -9.45 22.12
CA LEU C 170 -40.46 -9.22 20.92
C LEU C 170 -39.35 -10.27 20.80
N VAL C 171 -39.11 -10.74 19.56
CA VAL C 171 -38.06 -11.74 19.25
C VAL C 171 -36.72 -11.05 19.03
N LYS C 172 -35.68 -11.56 19.67
CA LYS C 172 -34.31 -11.10 19.43
C LYS C 172 -33.85 -11.58 18.05
N PRO C 173 -33.49 -10.67 17.11
CA PRO C 173 -33.03 -11.10 15.78
C PRO C 173 -31.52 -11.23 15.68
N GLU C 174 -31.05 -11.68 14.53
CA GLU C 174 -29.64 -12.04 14.40
C GLU C 174 -29.23 -11.89 12.95
N ILE C 175 -27.98 -11.50 12.74
CA ILE C 175 -27.44 -11.46 11.39
C ILE C 175 -27.12 -12.89 10.95
N ARG C 176 -27.76 -13.33 9.88
CA ARG C 176 -27.44 -14.62 9.29
C ARG C 176 -28.07 -14.69 7.91
N MET C 177 -27.35 -15.26 6.95
CA MET C 177 -27.90 -15.47 5.59
C MET C 177 -28.31 -16.94 5.51
N PRO C 178 -29.59 -17.25 5.31
CA PRO C 178 -30.13 -18.65 5.36
C PRO C 178 -29.24 -19.69 4.70
N LYS C 179 -28.58 -19.33 3.60
CA LYS C 179 -27.62 -20.26 2.93
C LYS C 179 -26.54 -19.42 2.23
N VAL C 180 -25.28 -19.84 2.31
CA VAL C 180 -24.14 -19.03 1.78
C VAL C 180 -24.15 -18.94 0.25
N GLY C 181 -24.07 -17.72 -0.29
CA GLY C 181 -23.94 -17.54 -1.75
C GLY C 181 -22.49 -17.36 -2.12
N GLY C 182 -22.16 -17.42 -3.41
CA GLY C 182 -20.79 -17.20 -3.83
C GLY C 182 -20.41 -15.74 -3.64
N ARG C 183 -19.16 -15.55 -3.22
CA ARG C 183 -18.62 -14.20 -3.01
C ARG C 183 -18.25 -13.59 -4.35
N VAL C 184 -18.79 -12.41 -4.64
CA VAL C 184 -18.53 -11.70 -5.89
C VAL C 184 -17.74 -10.43 -5.55
N MET C 185 -16.56 -10.29 -6.15
CA MET C 185 -15.64 -9.22 -5.82
C MET C 185 -15.71 -8.12 -6.87
N SER C 186 -15.10 -6.97 -6.54
CA SER C 186 -15.13 -5.82 -7.43
C SER C 186 -14.24 -6.09 -8.63
N LEU C 187 -14.79 -5.87 -9.83
CA LEU C 187 -14.12 -6.29 -11.05
C LEU C 187 -12.76 -5.62 -11.23
N GLN C 188 -12.59 -4.42 -10.70
CA GLN C 188 -11.30 -3.73 -10.83
C GLN C 188 -10.57 -3.60 -9.50
N ASP C 189 -11.04 -4.30 -8.47
CA ASP C 189 -10.35 -4.36 -7.15
C ASP C 189 -10.73 -5.71 -6.56
N PRO C 190 -10.15 -6.83 -7.02
CA PRO C 190 -10.60 -8.20 -6.61
C PRO C 190 -10.55 -8.45 -5.11
N THR C 191 -9.89 -7.62 -4.32
CA THR C 191 -9.75 -7.86 -2.88
C THR C 191 -10.96 -7.33 -2.14
N ARG C 192 -11.76 -6.46 -2.77
CA ARG C 192 -12.91 -5.87 -2.11
C ARG C 192 -14.20 -6.48 -2.65
N LYS C 193 -15.23 -6.54 -1.80
CA LYS C 193 -16.54 -7.01 -2.23
C LYS C 193 -17.11 -6.05 -3.27
N MET C 194 -17.86 -6.59 -4.22
CA MET C 194 -18.49 -5.74 -5.22
C MET C 194 -19.64 -4.96 -4.55
N SER C 195 -19.72 -3.67 -4.84
CA SER C 195 -20.72 -2.81 -4.20
C SER C 195 -21.47 -1.98 -5.23
N LYS C 196 -22.80 -1.95 -5.11
CA LYS C 196 -23.65 -1.16 -5.99
C LYS C 196 -23.37 0.35 -5.91
N SER C 197 -22.76 0.83 -4.82
CA SER C 197 -22.54 2.26 -4.62
C SER C 197 -21.12 2.69 -4.94
N ASP C 198 -20.34 1.84 -5.58
CA ASP C 198 -18.95 2.14 -5.87
C ASP C 198 -18.84 3.37 -6.76
N ASP C 199 -17.93 4.28 -6.40
CA ASP C 199 -17.62 5.41 -7.28
C ASP C 199 -17.01 4.97 -8.61
N ASN C 200 -16.40 3.78 -8.62
CA ASN C 200 -15.91 3.20 -9.89
C ASN C 200 -17.02 2.27 -10.39
N ALA C 201 -17.79 2.74 -11.36
CA ALA C 201 -18.84 1.90 -11.90
C ALA C 201 -18.32 0.67 -12.64
N LYS C 202 -17.07 0.68 -13.10
CA LYS C 202 -16.53 -0.54 -13.71
C LYS C 202 -16.28 -1.65 -12.68
N ASN C 203 -16.35 -1.34 -11.38
CA ASN C 203 -16.20 -2.35 -10.34
C ASN C 203 -17.39 -3.29 -10.24
N PHE C 204 -18.60 -2.81 -10.56
CA PHE C 204 -19.82 -3.60 -10.39
C PHE C 204 -20.55 -3.75 -11.72
N ILE C 205 -21.33 -4.82 -11.82
CA ILE C 205 -22.23 -5.01 -12.94
C ILE C 205 -23.64 -4.93 -12.35
N SER C 206 -24.37 -3.89 -12.74
CA SER C 206 -25.69 -3.64 -12.19
C SER C 206 -26.71 -4.52 -12.90
N LEU C 207 -27.71 -4.99 -12.14
CA LEU C 207 -28.78 -5.72 -12.82
C LEU C 207 -29.52 -4.85 -13.81
N LEU C 208 -29.31 -3.54 -13.80
CA LEU C 208 -29.94 -2.65 -14.79
C LEU C 208 -28.93 -1.97 -15.70
N ASP C 209 -27.66 -2.37 -15.66
CA ASP C 209 -26.70 -1.93 -16.66
C ASP C 209 -27.17 -2.40 -18.04
N GLU C 210 -26.83 -1.62 -19.05
CA GLU C 210 -27.09 -2.06 -20.42
C GLU C 210 -26.26 -3.32 -20.72
N PRO C 211 -26.87 -4.33 -21.33
CA PRO C 211 -26.14 -5.61 -21.52
C PRO C 211 -24.77 -5.44 -22.15
N ASN C 212 -24.63 -4.54 -23.14
CA ASN C 212 -23.34 -4.29 -23.77
C ASN C 212 -22.37 -3.65 -22.79
N VAL C 213 -22.86 -2.69 -21.98
CA VAL C 213 -22.02 -2.07 -20.96
C VAL C 213 -21.54 -3.12 -19.99
N ALA C 214 -22.43 -4.00 -19.55
CA ALA C 214 -22.02 -5.05 -18.64
C ALA C 214 -20.99 -5.97 -19.28
N ALA C 215 -21.17 -6.28 -20.57
CA ALA C 215 -20.16 -7.05 -21.30
C ALA C 215 -18.79 -6.38 -21.21
N LYS C 216 -18.73 -5.07 -21.48
CA LYS C 216 -17.46 -4.35 -21.45
C LYS C 216 -16.81 -4.42 -20.07
N LYS C 217 -17.62 -4.41 -19.02
CA LYS C 217 -17.08 -4.43 -17.64
C LYS C 217 -16.44 -5.79 -17.38
N ILE C 218 -16.95 -6.84 -18.00
CA ILE C 218 -16.25 -8.12 -17.84
C ILE C 218 -14.89 -8.07 -18.51
N LYS C 219 -14.80 -7.46 -19.71
CA LYS C 219 -13.52 -7.41 -20.42
C LYS C 219 -12.56 -6.38 -19.83
N SER C 220 -13.07 -5.47 -19.01
CA SER C 220 -12.22 -4.44 -18.34
C SER C 220 -11.90 -4.90 -16.92
N ALA C 221 -12.38 -6.06 -16.52
CA ALA C 221 -12.03 -6.57 -15.20
C ALA C 221 -10.51 -6.77 -15.13
N VAL C 222 -9.94 -6.40 -13.99
CA VAL C 222 -8.48 -6.34 -13.85
C VAL C 222 -7.97 -7.75 -13.59
N THR C 223 -7.23 -8.29 -14.54
CA THR C 223 -6.55 -9.58 -14.41
C THR C 223 -5.15 -9.45 -14.98
N ASP C 224 -4.39 -10.56 -14.93
CA ASP C 224 -3.18 -10.68 -15.73
C ASP C 224 -3.52 -10.63 -17.22
N SER C 225 -2.51 -10.29 -18.02
CA SER C 225 -2.67 -10.36 -19.47
C SER C 225 -3.21 -11.72 -19.94
N ASP C 226 -2.67 -12.79 -19.37
CA ASP C 226 -3.19 -14.13 -19.73
C ASP C 226 -2.87 -15.12 -18.64
N GLY C 227 -3.39 -16.33 -18.79
CA GLY C 227 -3.21 -17.38 -17.80
C GLY C 227 -4.23 -18.46 -18.03
N ILE C 228 -4.11 -19.52 -17.23
CA ILE C 228 -5.08 -20.61 -17.28
C ILE C 228 -6.35 -20.21 -16.56
N ILE C 229 -7.45 -20.89 -16.91
CA ILE C 229 -8.72 -20.67 -16.23
C ILE C 229 -8.74 -21.64 -15.05
N LYS C 230 -8.04 -21.26 -13.99
CA LYS C 230 -7.98 -22.06 -12.78
C LYS C 230 -8.40 -21.22 -11.58
N PHE C 231 -9.16 -21.85 -10.68
CA PHE C 231 -9.65 -21.16 -9.49
C PHE C 231 -8.52 -21.08 -8.47
N ASP C 232 -8.03 -19.87 -8.22
CA ASP C 232 -6.93 -19.62 -7.29
C ASP C 232 -7.10 -18.22 -6.71
N ARG C 233 -7.83 -18.15 -5.59
CA ARG C 233 -8.21 -16.85 -5.03
C ARG C 233 -7.01 -16.09 -4.47
N ASP C 234 -6.04 -16.80 -3.89
CA ASP C 234 -4.92 -16.13 -3.23
C ASP C 234 -3.92 -15.55 -4.22
N ASN C 235 -3.67 -16.24 -5.33
CA ASN C 235 -2.61 -15.76 -6.27
C ASN C 235 -3.19 -15.07 -7.50
N LYS C 236 -4.35 -15.51 -7.98
CA LYS C 236 -4.97 -14.94 -9.18
C LYS C 236 -6.38 -14.46 -8.86
N PRO C 237 -6.52 -13.46 -7.97
CA PRO C 237 -7.87 -13.04 -7.56
C PRO C 237 -8.70 -12.48 -8.71
N GLY C 238 -8.07 -11.88 -9.71
CA GLY C 238 -8.79 -11.38 -10.86
C GLY C 238 -9.55 -12.43 -11.64
N ILE C 239 -8.84 -13.40 -12.26
CA ILE C 239 -9.52 -14.42 -13.06
C ILE C 239 -10.44 -15.25 -12.18
N THR C 240 -10.01 -15.51 -10.95
CA THR C 240 -10.83 -16.27 -10.01
C THR C 240 -12.19 -15.61 -9.81
N ASN C 241 -12.22 -14.29 -9.57
CA ASN C 241 -13.51 -13.61 -9.39
C ASN C 241 -14.39 -13.81 -10.62
N LEU C 242 -13.82 -13.62 -11.82
CA LEU C 242 -14.55 -13.88 -13.06
C LEU C 242 -15.01 -15.34 -13.16
N ILE C 243 -14.27 -16.28 -12.56
CA ILE C 243 -14.75 -17.66 -12.54
C ILE C 243 -15.95 -17.80 -11.60
N SER C 244 -15.86 -17.20 -10.40
CA SER C 244 -17.00 -17.21 -9.48
C SER C 244 -18.25 -16.61 -10.13
N ILE C 245 -18.12 -15.50 -10.86
CA ILE C 245 -19.29 -14.88 -11.48
C ILE C 245 -19.88 -15.82 -12.52
N TYR C 246 -19.03 -16.38 -13.39
CA TYR C 246 -19.44 -17.40 -14.34
C TYR C 246 -20.29 -18.47 -13.67
N ALA C 247 -19.79 -19.05 -12.57
CA ALA C 247 -20.51 -20.08 -11.86
C ALA C 247 -21.86 -19.58 -11.35
N GLY C 248 -21.90 -18.34 -10.86
CA GLY C 248 -23.12 -17.81 -10.27
C GLY C 248 -24.25 -17.63 -11.27
N LEU C 249 -23.91 -17.30 -12.50
CA LEU C 249 -24.94 -17.02 -13.52
C LEU C 249 -25.30 -18.31 -14.28
N THR C 250 -24.36 -19.26 -14.40
CA THR C 250 -24.64 -20.49 -15.13
C THR C 250 -25.03 -21.66 -14.24
N ASP C 251 -24.66 -21.64 -12.96
CA ASP C 251 -24.72 -22.76 -12.02
C ASP C 251 -23.69 -23.84 -12.37
N MET C 252 -22.84 -23.60 -13.35
CA MET C 252 -21.83 -24.58 -13.67
C MET C 252 -20.84 -24.70 -12.51
N PRO C 253 -20.58 -25.91 -12.02
CA PRO C 253 -19.61 -26.08 -10.94
C PRO C 253 -18.22 -25.66 -11.37
N ILE C 254 -17.41 -25.27 -10.38
CA ILE C 254 -16.10 -24.70 -10.68
C ILE C 254 -15.24 -25.71 -11.42
N LYS C 255 -15.18 -26.96 -10.93
CA LYS C 255 -14.40 -28.00 -11.62
C LYS C 255 -14.85 -28.14 -13.07
N ASP C 256 -16.15 -28.09 -13.31
CA ASP C 256 -16.65 -28.11 -14.69
C ASP C 256 -16.14 -26.91 -15.48
N ILE C 257 -16.13 -25.70 -14.88
CA ILE C 257 -15.63 -24.52 -15.58
C ILE C 257 -14.19 -24.74 -16.02
N GLU C 258 -13.32 -25.17 -15.10
CA GLU C 258 -11.91 -25.37 -15.43
C GLU C 258 -11.75 -26.38 -16.56
N ALA C 259 -12.50 -27.48 -16.51
CA ALA C 259 -12.46 -28.47 -17.57
C ALA C 259 -12.87 -27.88 -18.92
N LYS C 260 -13.97 -27.11 -18.93
CA LYS C 260 -14.45 -26.53 -20.19
C LYS C 260 -13.40 -25.64 -20.85
N TYR C 261 -12.51 -25.05 -20.05
CA TYR C 261 -11.56 -24.07 -20.55
C TYR C 261 -10.13 -24.54 -20.46
N GLU C 262 -9.93 -25.85 -20.20
CA GLU C 262 -8.64 -26.51 -20.39
C GLU C 262 -8.07 -26.12 -21.74
N GLY C 263 -6.80 -25.74 -21.75
CA GLY C 263 -6.18 -25.36 -23.01
C GLY C 263 -6.65 -24.04 -23.58
N GLU C 264 -7.33 -23.22 -22.78
CA GLU C 264 -7.85 -21.93 -23.23
C GLU C 264 -7.38 -20.87 -22.26
N GLY C 265 -7.29 -19.65 -22.75
CA GLY C 265 -6.77 -18.56 -21.91
C GLY C 265 -7.83 -17.57 -21.54
N TYR C 266 -7.41 -16.35 -21.23
CA TYR C 266 -8.34 -15.35 -20.71
C TYR C 266 -9.25 -14.80 -21.80
N GLY C 267 -8.72 -14.63 -23.01
CA GLY C 267 -9.52 -14.03 -24.08
C GLY C 267 -10.76 -14.85 -24.40
N LYS C 268 -10.60 -16.16 -24.59
CA LYS C 268 -11.76 -16.99 -24.85
C LYS C 268 -12.70 -17.01 -23.65
N PHE C 269 -12.14 -17.08 -22.44
CA PHE C 269 -12.96 -17.18 -21.24
C PHE C 269 -13.77 -15.90 -21.02
N LYS C 270 -13.11 -14.74 -21.04
CA LYS C 270 -13.79 -13.46 -20.83
C LYS C 270 -14.75 -13.14 -21.95
N GLY C 271 -14.44 -13.57 -23.18
CA GLY C 271 -15.37 -13.41 -24.28
C GLY C 271 -16.65 -14.20 -24.07
N ASP C 272 -16.52 -15.42 -23.54
CA ASP C 272 -17.69 -16.23 -23.25
C ASP C 272 -18.48 -15.66 -22.09
N LEU C 273 -17.76 -15.33 -21.01
CA LEU C 273 -18.40 -14.80 -19.81
C LEU C 273 -19.12 -13.51 -20.10
N ALA C 274 -18.55 -12.66 -20.97
CA ALA C 274 -19.23 -11.44 -21.35
C ALA C 274 -20.55 -11.74 -22.06
N GLU C 275 -20.55 -12.75 -22.94
CA GLU C 275 -21.78 -13.15 -23.61
C GLU C 275 -22.79 -13.73 -22.61
N ILE C 276 -22.29 -14.45 -21.61
CA ILE C 276 -23.14 -14.99 -20.57
C ILE C 276 -23.75 -13.86 -19.76
N VAL C 277 -22.93 -12.91 -19.31
CA VAL C 277 -23.45 -11.76 -18.59
C VAL C 277 -24.45 -11.01 -19.45
N LYS C 278 -24.11 -10.78 -20.72
CA LYS C 278 -25.01 -10.05 -21.61
C LYS C 278 -26.36 -10.75 -21.75
N ALA C 279 -26.36 -12.08 -21.96
CA ALA C 279 -27.62 -12.80 -22.13
C ALA C 279 -28.39 -12.89 -20.81
N PHE C 280 -27.68 -13.01 -19.69
CA PHE C 280 -28.34 -13.03 -18.40
C PHE C 280 -29.08 -11.71 -18.16
N LEU C 281 -28.42 -10.58 -18.44
CA LEU C 281 -29.05 -9.29 -18.23
C LEU C 281 -30.15 -9.03 -19.25
N VAL C 282 -30.03 -9.53 -20.48
CA VAL C 282 -31.11 -9.34 -21.46
C VAL C 282 -32.38 -9.97 -20.93
N GLU C 283 -32.26 -11.20 -20.44
CA GLU C 283 -33.40 -11.97 -19.99
C GLU C 283 -33.92 -11.43 -18.65
N PHE C 284 -33.01 -11.15 -17.72
CA PHE C 284 -33.45 -10.58 -16.46
C PHE C 284 -34.21 -9.28 -16.68
N GLN C 285 -33.69 -8.41 -17.54
CA GLN C 285 -34.32 -7.14 -17.77
C GLN C 285 -35.63 -7.28 -18.55
N GLU C 286 -35.75 -8.30 -19.40
CA GLU C 286 -37.05 -8.58 -20.00
C GLU C 286 -38.08 -8.93 -18.93
N LYS C 287 -37.69 -9.76 -17.96
CA LYS C 287 -38.56 -10.02 -16.81
C LYS C 287 -38.84 -8.74 -16.03
N TYR C 288 -37.79 -8.00 -15.66
CA TYR C 288 -37.94 -6.78 -14.89
C TYR C 288 -38.91 -5.82 -15.56
N GLU C 289 -38.78 -5.67 -16.88
CA GLU C 289 -39.64 -4.75 -17.61
C GLU C 289 -41.10 -5.16 -17.51
N SER C 290 -41.39 -6.46 -17.63
CA SER C 290 -42.80 -6.84 -17.70
C SER C 290 -43.46 -6.69 -16.33
N PHE C 291 -42.75 -7.02 -15.26
CA PHE C 291 -43.24 -6.73 -13.91
C PHE C 291 -43.43 -5.23 -13.70
N TYR C 292 -42.41 -4.43 -14.06
CA TYR C 292 -42.44 -3.00 -13.79
C TYR C 292 -43.56 -2.31 -14.56
N ASN C 293 -43.82 -2.77 -15.79
CA ASN C 293 -44.68 -2.04 -16.70
C ASN C 293 -46.14 -2.51 -16.65
N SER C 294 -46.47 -3.47 -15.79
CA SER C 294 -47.77 -4.12 -15.81
C SER C 294 -48.65 -3.68 -14.64
N ASP C 295 -49.97 -3.62 -14.90
CA ASP C 295 -50.97 -3.36 -13.87
C ASP C 295 -51.03 -4.46 -12.81
N LYS C 296 -50.23 -5.52 -12.96
CA LYS C 296 -50.20 -6.65 -12.03
C LYS C 296 -49.23 -6.45 -10.86
N LEU C 297 -48.18 -5.65 -11.04
CA LEU C 297 -47.25 -5.39 -9.94
C LEU C 297 -47.99 -4.74 -8.76
N ASP C 298 -48.89 -3.79 -9.06
CA ASP C 298 -49.64 -3.15 -7.99
C ASP C 298 -50.48 -4.14 -7.20
N ASP C 299 -50.92 -5.21 -7.85
CA ASP C 299 -51.71 -6.19 -7.14
C ASP C 299 -50.83 -7.12 -6.31
N ILE C 300 -49.60 -7.35 -6.76
CA ILE C 300 -48.63 -8.05 -5.92
C ILE C 300 -48.35 -7.27 -4.64
N LEU C 301 -48.05 -5.99 -4.77
CA LEU C 301 -47.72 -5.21 -3.60
C LEU C 301 -48.93 -5.01 -2.67
N ASP C 302 -50.15 -4.98 -3.22
CA ASP C 302 -51.34 -4.99 -2.36
C ASP C 302 -51.34 -6.22 -1.46
N GLN C 303 -51.16 -7.40 -2.06
CA GLN C 303 -51.17 -8.65 -1.32
C GLN C 303 -50.07 -8.69 -0.27
N GLY C 304 -48.86 -8.26 -0.64
CA GLY C 304 -47.79 -8.18 0.34
C GLY C 304 -48.11 -7.22 1.47
N ARG C 305 -48.66 -6.05 1.12
CA ARG C 305 -49.05 -5.09 2.16
C ARG C 305 -50.03 -5.74 3.13
N ASP C 306 -51.02 -6.46 2.61
CA ASP C 306 -52.04 -7.06 3.46
C ASP C 306 -51.44 -8.13 4.37
N LYS C 307 -50.54 -8.96 3.82
CA LYS C 307 -49.89 -10.01 4.58
C LYS C 307 -49.02 -9.43 5.69
N ALA C 308 -48.21 -8.43 5.35
CA ALA C 308 -47.36 -7.79 6.35
C ALA C 308 -48.18 -7.03 7.37
N HIS C 309 -49.31 -6.45 6.96
CA HIS C 309 -50.15 -5.72 7.91
C HIS C 309 -50.72 -6.66 8.96
N LYS C 310 -51.17 -7.86 8.55
CA LYS C 310 -51.78 -8.78 9.50
C LYS C 310 -50.79 -9.23 10.57
N VAL C 311 -49.56 -9.56 10.17
CA VAL C 311 -48.58 -10.00 11.17
C VAL C 311 -48.14 -8.84 12.05
N SER C 312 -47.79 -7.70 11.42
CA SER C 312 -47.29 -6.55 12.18
C SER C 312 -48.35 -5.93 13.07
N PHE C 313 -49.61 -5.94 12.64
CA PHE C 313 -50.68 -5.40 13.48
C PHE C 313 -50.79 -6.18 14.79
N LYS C 314 -50.67 -7.52 14.73
CA LYS C 314 -50.72 -8.31 15.95
C LYS C 314 -49.57 -7.94 16.87
N THR C 315 -48.37 -7.77 16.32
CA THR C 315 -47.24 -7.39 17.14
C THR C 315 -47.42 -6.00 17.74
N VAL C 316 -47.83 -5.01 16.94
CA VAL C 316 -47.94 -3.66 17.50
C VAL C 316 -48.98 -3.65 18.62
N LYS C 317 -50.10 -4.36 18.43
CA LYS C 317 -51.13 -4.41 19.47
C LYS C 317 -50.60 -5.03 20.75
N LYS C 318 -49.86 -6.12 20.62
CA LYS C 318 -49.15 -6.70 21.76
C LYS C 318 -48.23 -5.67 22.44
N MET C 319 -47.53 -4.86 21.64
CA MET C 319 -46.65 -3.85 22.22
C MET C 319 -47.45 -2.72 22.88
N GLU C 320 -48.62 -2.41 22.34
CA GLU C 320 -49.37 -1.28 22.91
C GLU C 320 -49.88 -1.72 24.29
N LYS C 321 -50.44 -2.92 24.37
CA LYS C 321 -50.89 -3.45 25.66
C LYS C 321 -49.75 -3.50 26.67
N ALA C 322 -48.55 -3.85 26.22
CA ALA C 322 -47.41 -3.94 27.14
C ALA C 322 -47.05 -2.57 27.70
N MET C 323 -47.13 -1.51 26.90
CA MET C 323 -46.75 -0.19 27.36
C MET C 323 -47.90 0.61 27.96
N GLY C 324 -49.14 0.16 27.77
CA GLY C 324 -50.29 0.88 28.26
C GLY C 324 -50.93 1.84 27.27
N LEU C 325 -50.44 1.89 26.04
CA LEU C 325 -51.09 2.67 24.99
C LEU C 325 -52.50 2.14 24.74
N GLY C 326 -53.30 2.96 24.06
CA GLY C 326 -54.62 2.57 23.59
C GLY C 326 -55.59 2.28 24.72
N ARG C 327 -56.56 1.43 24.41
CA ARG C 327 -57.47 0.94 25.43
C ARG C 327 -57.70 -0.56 25.21
N LYS C 328 -58.29 -1.18 26.22
CA LYS C 328 -58.71 -2.57 26.13
C LYS C 328 -60.21 -2.58 25.83
N ARG C 329 -60.56 -3.04 24.63
CA ARG C 329 -61.97 -3.30 24.33
C ARG C 329 -62.10 -4.78 24.00
N TRP D . 23.02 -5.05 -8.84
CA TRP D . 22.27 -4.03 -9.61
C TRP D . 20.90 -4.60 -9.98
O TRP D . 20.10 -3.90 -10.58
CB TRP D . 23.07 -3.64 -10.85
CG TRP D . 24.41 -3.07 -10.51
CD1 TRP D . 25.63 -3.64 -10.67
CD2 TRP D . 24.62 -1.78 -9.90
NE1 TRP D . 26.60 -2.79 -10.20
CE2 TRP D . 26.02 -1.65 -9.73
CE3 TRP D . 23.78 -0.74 -9.48
CZ2 TRP D . 26.58 -0.51 -9.17
CZ3 TRP D . 24.35 0.38 -8.93
CH2 TRP D . 25.73 0.49 -8.77
OXT TRP D . 20.66 -5.77 -9.64
N TRP E . 8.82 12.65 9.44
CA TRP E . 9.17 11.36 10.02
C TRP E . 7.97 10.43 9.94
O TRP E . 8.12 9.20 9.90
CB TRP E . 9.62 11.51 11.47
CG TRP E . 10.81 12.40 11.65
CD1 TRP E . 10.83 13.68 12.19
CD2 TRP E . 12.17 12.08 11.31
NE1 TRP E . 12.12 14.16 12.19
CE2 TRP E . 12.96 13.21 11.65
CE3 TRP E . 12.78 10.96 10.75
CZ2 TRP E . 14.35 13.23 11.44
CZ3 TRP E . 14.15 10.99 10.54
CH2 TRP E . 14.91 12.11 10.88
OXT TRP E . 6.85 10.94 9.92
N TRP F . -30.81 0.49 7.47
CA TRP F . -30.98 -0.34 6.26
C TRP F . -30.07 0.16 5.15
O TRP F . -29.54 -0.64 4.40
CB TRP F . -32.44 -0.33 5.80
CG TRP F . -33.36 -1.11 6.69
CD1 TRP F . -34.47 -0.67 7.33
CD2 TRP F . -33.20 -2.50 7.04
NE1 TRP F . -35.03 -1.68 8.07
CE2 TRP F . -34.28 -2.81 7.91
CE3 TRP F . -32.27 -3.49 6.72
CZ2 TRP F . -34.43 -4.08 8.45
CZ3 TRP F . -32.44 -4.75 7.26
CH2 TRP F . -33.50 -5.04 8.11
OXT TRP F . -29.93 1.38 5.08
#